data_3IAE
#
_entry.id   3IAE
#
_cell.length_a   150.856
_cell.length_b   150.856
_cell.length_c   97.240
_cell.angle_alpha   90.00
_cell.angle_beta   90.00
_cell.angle_gamma   120.00
#
_symmetry.space_group_name_H-M   'P 32 2 1'
#
loop_
_entity.id
_entity.type
_entity.pdbx_description
1 polymer 'Benzaldehyde lyase'
2 non-polymer 3-[(4-amino-2-methylpyrimidin-5-yl)methyl]-2-{(S)-hydroxy[(R)-hydroxy(methoxy)phosphoryl]phenylmethyl}-5-(2-{[(R)-hydroxy(phosphonooxy)phosphoryl]oxy}ethyl)-4-methyl-1,3-thiazol-3-ium
3 non-polymer 'CALCIUM ION'
4 water water
#
_entity_poly.entity_id   1
_entity_poly.type   'polypeptide(L)'
_entity_poly.pdbx_seq_one_letter_code
;MAMITGGELVVRTLIKAGVEHLFGLHGSHIDTIFQACLDHDVPIIDTRHEAAAGHAAEGYARAGAKLGVALVTAGGGFTN
AVTPIANAWLDRTPVLFLTGSGALRDDETNTLQAGIDQVAMAAPITKWAHRVMATEHIPRLVMQAIRAALSAPRGPVLLD
LPWDILMNQIDEDSVIIPDLVLSAHGARPDPADLDQALALLRKAERPVIVLGSEASRTARKTALSAFVAATGVPVFADYE
GLSMLSGLPDAMRGGLVQNLYSFAKADAAPDLVLMLGARFGLNTGHGSGQLIPHSAQVIQVDPDACELGRLQGIALGIVA
DVGGTIEALAQATAQDAAWPDRGDWCAKVTDLAQERYASIAAKSSSEHALHPFHASQVIAKHVDAGVTVVADGALTYLWL
SEVMSRVKPGGFLCHGYLGSMGVGFGTALGAQVADLEAGRRTILVTGDGSVGYSIGEFDTLVRKQLPLIVIIMNNQSWGA
TLHFQQLAVGPNRVTGTRLENGSYHGVAAAFGADGYHVDSVESFSAALAQALAHNRPACINVAVALDPIPPEELILIGMD
PFGSHHHHHH
;
_entity_poly.pdbx_strand_id   A,B
#
loop_
_chem_comp.id
_chem_comp.type
_chem_comp.name
_chem_comp.formula
CA non-polymer 'CALCIUM ION' 'Ca 2'
D7K non-polymer 3-[(4-amino-2-methylpyrimidin-5-yl)methyl]-2-{(S)-hydroxy[(R)-hydroxy(methoxy)phosphoryl]phenylmethyl}-5-(2-{[(R)-hydroxy(phosphonooxy)phosphoryl]oxy}ethyl)-4-methyl-1,3-thiazol-3-ium 'C20 H28 N4 O11 P3 S 1'
#
# COMPACT_ATOMS: atom_id res chain seq x y z
N ALA A 2 -33.06 19.01 -10.85
CA ALA A 2 -32.49 20.39 -10.86
C ALA A 2 -31.32 20.51 -9.89
N MET A 3 -31.43 19.84 -8.74
CA MET A 3 -30.36 19.80 -7.76
C MET A 3 -29.56 18.51 -7.95
N ILE A 4 -28.25 18.66 -8.11
CA ILE A 4 -27.36 17.51 -8.32
C ILE A 4 -26.23 17.50 -7.29
N THR A 5 -25.69 16.31 -7.04
CA THR A 5 -24.61 16.12 -6.07
C THR A 5 -23.27 16.61 -6.63
N GLY A 6 -22.28 16.76 -5.74
CA GLY A 6 -20.92 17.10 -6.14
C GLY A 6 -20.23 15.97 -6.88
N GLY A 7 -20.58 14.74 -6.55
CA GLY A 7 -20.08 13.56 -7.25
C GLY A 7 -20.58 13.49 -8.68
N GLU A 8 -21.80 13.99 -8.90
CA GLU A 8 -22.38 14.12 -10.23
C GLU A 8 -21.58 15.12 -11.07
N LEU A 9 -21.19 16.24 -10.45
CA LEU A 9 -20.34 17.23 -11.10
C LEU A 9 -18.98 16.67 -11.53
N VAL A 10 -18.40 15.80 -10.71
CA VAL A 10 -17.14 15.13 -11.05
C VAL A 10 -17.29 14.33 -12.34
N VAL A 11 -18.29 13.44 -12.36
CA VAL A 11 -18.51 12.53 -13.48
C VAL A 11 -18.86 13.27 -14.78
N ARG A 12 -19.73 14.27 -14.69
CA ARG A 12 -20.07 15.10 -15.85
C ARG A 12 -18.86 15.82 -16.45
N THR A 13 -17.92 16.21 -15.57
CA THR A 13 -16.67 16.85 -16.00
C THR A 13 -15.71 15.84 -16.64
N LEU A 14 -15.61 14.66 -16.04
CA LEU A 14 -14.78 13.59 -16.58
C LEU A 14 -15.28 13.17 -17.97
N ILE A 15 -16.60 13.10 -18.13
CA ILE A 15 -17.21 12.76 -19.42
C ILE A 15 -16.84 13.78 -20.50
N LYS A 16 -16.93 15.07 -20.15
CA LYS A 16 -16.57 16.16 -21.07
C LYS A 16 -15.08 16.13 -21.40
N ALA A 17 -14.27 15.59 -20.48
CA ALA A 17 -12.84 15.42 -20.67
C ALA A 17 -12.53 14.20 -21.54
N GLY A 18 -13.52 13.34 -21.73
CA GLY A 18 -13.40 12.17 -22.61
C GLY A 18 -13.00 10.87 -21.94
N VAL A 19 -13.04 10.82 -20.61
CA VAL A 19 -12.73 9.58 -19.89
C VAL A 19 -13.87 8.55 -19.99
N GLU A 20 -13.52 7.32 -20.31
CA GLU A 20 -14.48 6.26 -20.55
C GLU A 20 -14.39 5.14 -19.52
N HIS A 21 -13.30 5.12 -18.77
CA HIS A 21 -13.09 4.12 -17.72
C HIS A 21 -12.49 4.75 -16.47
N LEU A 22 -12.90 4.24 -15.31
CA LEU A 22 -12.29 4.58 -14.03
C LEU A 22 -11.85 3.31 -13.31
N PHE A 23 -10.85 3.44 -12.45
CA PHE A 23 -10.34 2.30 -11.69
C PHE A 23 -10.35 2.65 -10.21
N GLY A 24 -11.00 1.81 -9.40
CA GLY A 24 -11.13 2.10 -7.99
C GLY A 24 -11.57 0.98 -7.07
N LEU A 25 -12.00 1.39 -5.88
CA LEU A 25 -12.48 0.51 -4.83
C LEU A 25 -13.50 1.32 -4.06
N HIS A 26 -14.68 0.75 -3.84
CA HIS A 26 -15.80 1.50 -3.28
C HIS A 26 -15.59 2.01 -1.85
N GLY A 27 -16.10 3.21 -1.60
CA GLY A 27 -16.26 3.76 -0.26
C GLY A 27 -17.52 4.59 -0.23
N SER A 28 -18.15 4.69 0.94
CA SER A 28 -19.34 5.53 1.11
C SER A 28 -19.01 7.00 0.88
N HIS A 29 -17.78 7.38 1.24
CA HIS A 29 -17.28 8.74 1.06
C HIS A 29 -17.31 9.17 -0.42
N ILE A 30 -17.18 8.20 -1.31
CA ILE A 30 -17.13 8.44 -2.76
C ILE A 30 -18.28 7.78 -3.52
N ASP A 31 -19.35 7.42 -2.81
CA ASP A 31 -20.51 6.76 -3.43
C ASP A 31 -21.21 7.62 -4.48
N THR A 32 -21.23 8.94 -4.28
CA THR A 32 -21.88 9.85 -5.23
C THR A 32 -21.27 9.78 -6.63
N ILE A 33 -19.96 9.48 -6.68
CA ILE A 33 -19.27 9.28 -7.95
C ILE A 33 -19.65 7.92 -8.55
N PHE A 34 -19.75 6.90 -7.71
CA PHE A 34 -20.20 5.57 -8.13
C PHE A 34 -21.63 5.61 -8.68
N GLN A 35 -22.51 6.32 -7.99
CA GLN A 35 -23.90 6.47 -8.40
C GLN A 35 -24.04 7.22 -9.73
N ALA A 36 -23.24 8.27 -9.90
CA ALA A 36 -23.25 9.07 -11.13
C ALA A 36 -22.69 8.30 -12.33
N CYS A 37 -21.69 7.45 -12.08
CA CYS A 37 -21.12 6.59 -13.13
C CYS A 37 -22.12 5.53 -13.59
N LEU A 38 -22.93 5.04 -12.66
CA LEU A 38 -23.99 4.09 -12.96
C LEU A 38 -25.00 4.72 -13.93
N ASP A 39 -25.45 5.93 -13.60
CA ASP A 39 -26.40 6.68 -14.40
C ASP A 39 -25.90 6.97 -15.82
N HIS A 40 -24.61 7.24 -15.94
CA HIS A 40 -24.00 7.63 -17.21
C HIS A 40 -23.33 6.47 -17.97
N ASP A 41 -23.51 5.25 -17.46
CA ASP A 41 -22.92 4.04 -18.04
C ASP A 41 -21.40 4.13 -18.16
N VAL A 42 -20.75 4.72 -17.16
CA VAL A 42 -19.30 4.80 -17.11
C VAL A 42 -18.76 3.70 -16.19
N PRO A 43 -18.04 2.71 -16.77
CA PRO A 43 -17.54 1.58 -16.01
C PRO A 43 -16.47 1.96 -14.99
N ILE A 44 -16.65 1.49 -13.75
CA ILE A 44 -15.61 1.55 -12.73
C ILE A 44 -15.12 0.13 -12.49
N ILE A 45 -13.88 -0.13 -12.87
CA ILE A 45 -13.27 -1.43 -12.62
C ILE A 45 -12.84 -1.50 -11.15
N ASP A 46 -13.71 -2.05 -10.32
CA ASP A 46 -13.43 -2.19 -8.89
C ASP A 46 -12.51 -3.37 -8.63
N THR A 47 -11.41 -3.10 -7.92
CA THR A 47 -10.38 -4.09 -7.66
C THR A 47 -10.51 -4.67 -6.25
N ARG A 48 -9.46 -5.36 -5.79
CA ARG A 48 -9.42 -5.91 -4.43
C ARG A 48 -8.44 -5.15 -3.53
N HIS A 49 -7.75 -4.16 -4.11
CA HIS A 49 -6.80 -3.32 -3.40
C HIS A 49 -6.72 -2.00 -4.14
N GLU A 50 -6.66 -0.88 -3.41
CA GLU A 50 -6.53 0.44 -4.02
C GLU A 50 -5.24 0.61 -4.79
N ALA A 51 -4.16 -0.04 -4.33
CA ALA A 51 -2.89 -0.04 -5.03
C ALA A 51 -3.06 -0.64 -6.44
N ALA A 52 -3.72 -1.79 -6.51
CA ALA A 52 -4.01 -2.43 -7.79
C ALA A 52 -4.85 -1.52 -8.69
N ALA A 53 -5.79 -0.80 -8.09
CA ALA A 53 -6.63 0.15 -8.82
C ALA A 53 -5.81 1.34 -9.32
N GLY A 54 -4.89 1.81 -8.48
CA GLY A 54 -4.00 2.91 -8.84
C GLY A 54 -3.03 2.53 -9.94
N HIS A 55 -2.44 1.34 -9.80
CA HIS A 55 -1.56 0.79 -10.84
C HIS A 55 -2.31 0.52 -12.14
N ALA A 56 -3.57 0.08 -12.02
CA ALA A 56 -4.44 -0.14 -13.17
C ALA A 56 -4.67 1.15 -13.97
N ALA A 57 -4.86 2.26 -13.25
CA ALA A 57 -5.01 3.57 -13.87
C ALA A 57 -3.74 3.96 -14.65
N GLU A 58 -2.57 3.65 -14.07
CA GLU A 58 -1.28 3.86 -14.73
C GLU A 58 -1.17 3.04 -16.02
N GLY A 59 -1.45 1.74 -15.91
CA GLY A 59 -1.38 0.81 -17.03
C GLY A 59 -2.28 1.19 -18.17
N TYR A 60 -3.52 1.55 -17.86
CA TYR A 60 -4.49 2.07 -18.82
C TYR A 60 -3.93 3.30 -19.55
N ALA A 61 -3.36 4.23 -18.79
CA ALA A 61 -2.76 5.45 -19.31
C ALA A 61 -1.54 5.17 -20.20
N ARG A 62 -0.68 4.26 -19.74
CA ARG A 62 0.55 3.91 -20.46
C ARG A 62 0.27 3.11 -21.74
N ALA A 63 -0.59 2.10 -21.64
CA ALA A 63 -0.98 1.26 -22.78
C ALA A 63 -1.84 2.02 -23.79
N GLY A 64 -2.73 2.88 -23.28
CA GLY A 64 -3.65 3.62 -24.13
C GLY A 64 -3.14 4.95 -24.62
N ALA A 65 -1.99 5.40 -24.07
CA ALA A 65 -1.44 6.74 -24.31
C ALA A 65 -2.48 7.85 -24.05
N LYS A 66 -3.17 7.72 -22.91
CA LYS A 66 -4.27 8.62 -22.54
C LYS A 66 -4.25 8.91 -21.04
N LEU A 67 -5.30 9.57 -20.55
CA LEU A 67 -5.42 9.82 -19.12
C LEU A 67 -6.00 8.61 -18.42
N GLY A 68 -5.36 8.21 -17.32
CA GLY A 68 -5.89 7.18 -16.44
C GLY A 68 -6.53 7.84 -15.22
N VAL A 69 -7.63 7.28 -14.75
CA VAL A 69 -8.35 7.85 -13.60
C VAL A 69 -8.53 6.81 -12.49
N ALA A 70 -7.90 7.09 -11.35
CA ALA A 70 -8.07 6.27 -10.15
C ALA A 70 -9.07 6.93 -9.20
N LEU A 71 -9.85 6.10 -8.50
CA LEU A 71 -10.89 6.57 -7.59
C LEU A 71 -10.77 5.80 -6.28
N VAL A 72 -10.31 6.48 -5.23
CA VAL A 72 -10.14 5.83 -3.93
C VAL A 72 -10.90 6.58 -2.84
N THR A 73 -11.19 5.90 -1.73
CA THR A 73 -11.94 6.51 -0.64
C THR A 73 -11.04 7.18 0.40
N ALA A 74 -11.67 7.81 1.40
CA ALA A 74 -10.98 8.47 2.50
C ALA A 74 -10.10 7.51 3.30
N GLY A 75 -9.04 8.06 3.89
CA GLY A 75 -8.19 7.34 4.83
C GLY A 75 -7.33 6.29 4.17
N GLY A 76 -7.65 5.02 4.46
CA GLY A 76 -6.93 3.88 3.92
C GLY A 76 -7.02 3.73 2.42
N GLY A 77 -8.10 4.26 1.83
CA GLY A 77 -8.25 4.31 0.39
C GLY A 77 -7.10 5.08 -0.25
N PHE A 78 -6.88 6.30 0.24
CA PHE A 78 -5.77 7.12 -0.23
C PHE A 78 -4.40 6.51 0.05
N THR A 79 -4.17 6.09 1.31
CA THR A 79 -2.84 5.61 1.72
C THR A 79 -2.43 4.34 0.97
N ASN A 80 -3.41 3.52 0.59
CA ASN A 80 -3.16 2.33 -0.23
C ASN A 80 -2.82 2.67 -1.67
N ALA A 81 -3.14 3.90 -2.09
CA ALA A 81 -2.90 4.35 -3.46
C ALA A 81 -1.59 5.11 -3.62
N VAL A 82 -0.81 5.19 -2.56
CA VAL A 82 0.43 6.00 -2.53
C VAL A 82 1.57 5.45 -3.40
N THR A 83 1.75 4.14 -3.40
CA THR A 83 2.74 3.50 -4.28
C THR A 83 2.48 3.80 -5.76
N PRO A 84 1.22 3.58 -6.24
CA PRO A 84 0.84 4.01 -7.59
C PRO A 84 1.16 5.47 -7.92
N ILE A 85 0.89 6.38 -6.97
CA ILE A 85 1.18 7.79 -7.16
C ILE A 85 2.69 8.01 -7.32
N ALA A 86 3.47 7.46 -6.40
CA ALA A 86 4.93 7.52 -6.45
C ALA A 86 5.49 6.92 -7.74
N ASN A 87 4.91 5.79 -8.15
CA ASN A 87 5.31 5.12 -9.39
C ASN A 87 5.04 6.00 -10.61
N ALA A 88 3.82 6.54 -10.70
CA ALA A 88 3.43 7.44 -11.79
C ALA A 88 4.24 8.73 -11.81
N TRP A 89 4.64 9.20 -10.63
CA TRP A 89 5.49 10.39 -10.48
C TRP A 89 6.83 10.21 -11.18
N LEU A 90 7.53 9.12 -10.88
CA LEU A 90 8.84 8.86 -11.45
C LEU A 90 8.76 8.38 -12.91
N ASP A 91 7.67 7.69 -13.24
CA ASP A 91 7.45 7.17 -14.59
C ASP A 91 6.90 8.21 -15.57
N ARG A 92 6.44 9.33 -15.02
CA ARG A 92 5.85 10.42 -15.82
C ARG A 92 4.58 9.96 -16.55
N THR A 93 3.66 9.34 -15.81
CA THR A 93 2.42 8.87 -16.42
C THR A 93 1.22 9.69 -15.97
N PRO A 94 0.38 10.11 -16.94
CA PRO A 94 -0.76 10.99 -16.63
C PRO A 94 -1.91 10.23 -15.96
N VAL A 95 -2.00 10.38 -14.64
CA VAL A 95 -3.08 9.76 -13.88
C VAL A 95 -3.74 10.78 -12.95
N LEU A 96 -5.06 10.88 -13.05
CA LEU A 96 -5.85 11.66 -12.12
C LEU A 96 -6.25 10.77 -10.96
N PHE A 97 -5.60 10.96 -9.81
CA PHE A 97 -5.99 10.28 -8.60
C PHE A 97 -7.08 11.06 -7.89
N LEU A 98 -8.30 10.54 -7.97
CA LEU A 98 -9.43 11.10 -7.26
C LEU A 98 -9.58 10.39 -5.92
N THR A 99 -9.50 11.15 -4.84
CA THR A 99 -9.62 10.57 -3.50
C THR A 99 -10.68 11.26 -2.65
N GLY A 100 -11.39 10.47 -1.87
CA GLY A 100 -12.27 11.00 -0.84
C GLY A 100 -11.46 11.40 0.37
N SER A 101 -12.10 12.13 1.27
CA SER A 101 -11.51 12.49 2.56
C SER A 101 -12.63 12.82 3.53
N GLY A 102 -12.28 13.06 4.78
CA GLY A 102 -13.26 13.43 5.79
C GLY A 102 -13.98 14.70 5.38
N ALA A 103 -15.27 14.76 5.68
CA ALA A 103 -16.07 15.95 5.45
C ALA A 103 -15.39 17.18 6.07
N LEU A 104 -15.49 18.32 5.39
CA LEU A 104 -14.95 19.58 5.90
C LEU A 104 -15.64 20.00 7.20
N ARG A 105 -16.96 19.80 7.27
CA ARG A 105 -17.67 19.90 8.54
C ARG A 105 -17.24 18.69 9.35
N ASP A 106 -17.26 18.80 10.67
CA ASP A 106 -16.63 17.81 11.55
C ASP A 106 -15.12 17.55 11.24
N ASP A 107 -14.44 18.60 10.80
CA ASP A 107 -12.99 18.65 10.77
C ASP A 107 -12.49 18.60 12.21
N GLU A 108 -11.38 17.90 12.43
CA GLU A 108 -10.76 17.77 13.76
C GLU A 108 -11.68 17.13 14.82
N THR A 109 -12.48 16.16 14.39
CA THR A 109 -13.41 15.48 15.29
C THR A 109 -13.04 14.02 15.58
N ASN A 110 -11.83 13.61 15.19
CA ASN A 110 -11.37 12.23 15.33
C ASN A 110 -12.37 11.20 14.75
N THR A 111 -12.97 11.55 13.62
CA THR A 111 -13.99 10.68 13.02
C THR A 111 -13.37 9.62 12.10
N LEU A 112 -14.21 8.73 11.59
CA LEU A 112 -13.78 7.63 10.73
C LEU A 112 -13.10 8.15 9.47
N GLN A 113 -11.95 7.54 9.15
CA GLN A 113 -11.22 7.78 7.89
C GLN A 113 -10.74 9.23 7.66
N ALA A 114 -10.78 10.05 8.71
CA ALA A 114 -10.29 11.42 8.64
C ALA A 114 -9.08 11.60 9.56
N GLY A 115 -8.55 12.82 9.63
CA GLY A 115 -7.42 13.14 10.50
C GLY A 115 -6.06 12.97 9.83
N ILE A 116 -6.10 12.53 8.56
CA ILE A 116 -4.90 12.39 7.75
C ILE A 116 -4.82 13.48 6.68
N ASP A 117 -3.72 14.22 6.67
CA ASP A 117 -3.49 15.23 5.63
C ASP A 117 -2.99 14.54 4.37
N GLN A 118 -3.93 14.17 3.51
CA GLN A 118 -3.66 13.41 2.31
C GLN A 118 -2.95 14.23 1.24
N VAL A 119 -3.27 15.52 1.18
CA VAL A 119 -2.61 16.45 0.25
C VAL A 119 -1.12 16.59 0.56
N ALA A 120 -0.79 16.76 1.85
CA ALA A 120 0.61 16.89 2.27
C ALA A 120 1.43 15.64 1.99
N MET A 121 0.80 14.47 2.13
CA MET A 121 1.45 13.19 1.88
C MET A 121 1.77 13.00 0.39
N ALA A 122 0.91 13.55 -0.48
CA ALA A 122 1.04 13.40 -1.92
C ALA A 122 1.80 14.54 -2.59
N ALA A 123 1.94 15.66 -1.87
CA ALA A 123 2.65 16.84 -2.37
C ALA A 123 4.06 16.57 -2.93
N PRO A 124 4.86 15.72 -2.25
CA PRO A 124 6.20 15.43 -2.80
C PRO A 124 6.21 14.52 -4.04
N ILE A 125 5.10 13.85 -4.34
CA ILE A 125 5.05 12.88 -5.44
C ILE A 125 3.95 13.14 -6.48
N THR A 126 3.50 14.40 -6.59
CA THR A 126 2.51 14.79 -7.57
C THR A 126 2.90 16.10 -8.27
N LYS A 127 2.38 16.29 -9.49
CA LYS A 127 2.51 17.57 -10.19
C LYS A 127 1.65 18.63 -9.51
N TRP A 128 0.53 18.18 -8.94
CA TRP A 128 -0.40 19.04 -8.22
C TRP A 128 -1.24 18.20 -7.26
N ALA A 129 -1.22 18.59 -5.98
CA ALA A 129 -2.05 17.97 -4.97
C ALA A 129 -2.89 19.06 -4.31
N HIS A 130 -4.20 18.87 -4.29
CA HIS A 130 -5.12 19.92 -3.84
C HIS A 130 -6.43 19.38 -3.29
N ARG A 131 -6.95 20.07 -2.28
CA ARG A 131 -8.23 19.71 -1.66
C ARG A 131 -9.33 20.68 -2.07
N VAL A 132 -10.44 20.13 -2.55
CA VAL A 132 -11.58 20.92 -3.01
C VAL A 132 -12.37 21.49 -1.83
N MET A 133 -12.56 22.80 -1.84
CA MET A 133 -13.11 23.53 -0.70
C MET A 133 -14.59 23.91 -0.87
N ALA A 134 -15.10 23.79 -2.10
CA ALA A 134 -16.49 24.13 -2.40
C ALA A 134 -17.00 23.28 -3.56
N THR A 135 -18.26 22.85 -3.45
CA THR A 135 -18.91 22.00 -4.45
C THR A 135 -18.94 22.66 -5.84
N GLU A 136 -19.12 23.98 -5.85
CA GLU A 136 -19.16 24.77 -7.08
C GLU A 136 -17.83 24.81 -7.81
N HIS A 137 -16.74 24.52 -7.10
CA HIS A 137 -15.40 24.52 -7.67
C HIS A 137 -15.03 23.21 -8.38
N ILE A 138 -15.82 22.16 -8.18
CA ILE A 138 -15.49 20.82 -8.68
C ILE A 138 -15.17 20.78 -10.19
N PRO A 139 -16.09 21.25 -11.05
CA PRO A 139 -15.81 21.14 -12.50
C PRO A 139 -14.52 21.83 -12.95
N ARG A 140 -14.27 23.05 -12.49
CA ARG A 140 -13.08 23.79 -12.94
C ARG A 140 -11.78 23.22 -12.37
N LEU A 141 -11.83 22.70 -11.15
CA LEU A 141 -10.66 22.11 -10.50
C LEU A 141 -10.32 20.71 -11.03
N VAL A 142 -11.34 19.93 -11.38
CA VAL A 142 -11.14 18.63 -12.00
C VAL A 142 -10.50 18.81 -13.38
N MET A 143 -10.99 19.80 -14.12
CA MET A 143 -10.47 20.10 -15.45
C MET A 143 -9.04 20.66 -15.37
N GLN A 144 -8.78 21.46 -14.34
CA GLN A 144 -7.44 21.98 -14.06
C GLN A 144 -6.47 20.85 -13.74
N ALA A 145 -6.94 19.88 -12.96
CA ALA A 145 -6.17 18.70 -12.59
C ALA A 145 -5.80 17.86 -13.81
N ILE A 146 -6.75 17.71 -14.72
CA ILE A 146 -6.56 16.95 -15.96
C ILE A 146 -5.56 17.64 -16.88
N ARG A 147 -5.68 18.96 -17.01
CA ARG A 147 -4.72 19.75 -17.80
C ARG A 147 -3.29 19.59 -17.27
N ALA A 148 -3.15 19.57 -15.94
CA ALA A 148 -1.85 19.39 -15.28
C ALA A 148 -1.25 18.00 -15.55
N ALA A 149 -2.07 16.97 -15.42
CA ALA A 149 -1.62 15.58 -15.62
C ALA A 149 -1.18 15.33 -17.07
N LEU A 150 -1.96 15.85 -18.02
CA LEU A 150 -1.77 15.59 -19.45
C LEU A 150 -0.64 16.37 -20.12
N SER A 151 -0.19 17.45 -19.49
CA SER A 151 0.84 18.30 -20.09
C SER A 151 2.25 17.85 -19.72
N ALA A 152 3.21 18.26 -20.55
CA ALA A 152 4.59 17.80 -20.46
C ALA A 152 5.37 18.48 -19.32
N PRO A 153 6.10 17.67 -18.52
CA PRO A 153 6.09 16.21 -18.54
C PRO A 153 4.87 15.64 -17.83
N ARG A 154 4.30 14.57 -18.38
CA ARG A 154 3.13 13.93 -17.81
C ARG A 154 3.39 13.46 -16.39
N GLY A 155 2.35 13.42 -15.57
CA GLY A 155 2.50 13.01 -14.18
C GLY A 155 1.19 12.90 -13.42
N PRO A 156 1.25 12.32 -12.20
CA PRO A 156 0.05 12.13 -11.39
C PRO A 156 -0.40 13.41 -10.72
N VAL A 157 -1.72 13.53 -10.54
CA VAL A 157 -2.32 14.65 -9.85
C VAL A 157 -3.27 14.10 -8.81
N LEU A 158 -3.22 14.66 -7.60
CA LEU A 158 -4.13 14.25 -6.54
C LEU A 158 -5.20 15.31 -6.32
N LEU A 159 -6.45 14.92 -6.54
CA LEU A 159 -7.57 15.80 -6.28
C LEU A 159 -8.36 15.21 -5.11
N ASP A 160 -8.40 15.96 -4.02
CA ASP A 160 -9.02 15.50 -2.77
C ASP A 160 -10.43 16.05 -2.67
N LEU A 161 -11.39 15.14 -2.50
CA LEU A 161 -12.81 15.49 -2.52
C LEU A 161 -13.53 15.08 -1.22
N PRO A 162 -13.64 16.03 -0.27
CA PRO A 162 -14.28 15.75 1.02
C PRO A 162 -15.72 15.26 0.86
N TRP A 163 -16.10 14.28 1.69
CA TRP A 163 -17.43 13.67 1.69
C TRP A 163 -18.53 14.73 1.69
N ASP A 164 -18.28 15.77 2.48
CA ASP A 164 -19.05 17.01 2.52
C ASP A 164 -19.33 17.57 1.13
N ILE A 165 -18.23 17.87 0.42
CA ILE A 165 -18.24 18.51 -0.89
C ILE A 165 -18.93 17.64 -1.95
N LEU A 166 -18.83 16.32 -1.80
CA LEU A 166 -19.40 15.38 -2.77
C LEU A 166 -20.89 15.14 -2.58
N MET A 167 -21.34 15.07 -1.32
CA MET A 167 -22.76 14.84 -1.02
C MET A 167 -23.59 16.12 -1.19
N ASN A 168 -22.93 17.27 -1.07
CA ASN A 168 -23.57 18.56 -1.24
C ASN A 168 -24.31 18.67 -2.57
N GLN A 169 -25.54 19.18 -2.52
CA GLN A 169 -26.36 19.33 -3.71
C GLN A 169 -26.50 20.80 -4.08
N ILE A 170 -26.28 21.09 -5.36
CA ILE A 170 -26.39 22.47 -5.87
C ILE A 170 -27.20 22.52 -7.17
N ASP A 171 -27.62 23.71 -7.54
CA ASP A 171 -28.39 23.94 -8.76
C ASP A 171 -27.53 23.73 -10.01
N GLU A 172 -27.88 22.69 -10.78
CA GLU A 172 -27.10 22.30 -11.95
C GLU A 172 -27.08 23.35 -13.07
N ASP A 173 -28.07 24.23 -13.07
CA ASP A 173 -28.19 25.26 -14.10
C ASP A 173 -27.27 26.46 -13.86
N SER A 174 -26.73 26.56 -12.65
CA SER A 174 -25.89 27.71 -12.27
C SER A 174 -24.39 27.42 -12.39
N VAL A 175 -24.02 26.14 -12.29
CA VAL A 175 -22.62 25.73 -12.35
C VAL A 175 -22.25 25.22 -13.75
N ILE A 176 -21.23 25.84 -14.34
CA ILE A 176 -20.84 25.53 -15.71
C ILE A 176 -19.79 24.41 -15.75
N ILE A 177 -19.97 23.48 -16.69
CA ILE A 177 -19.00 22.42 -16.90
C ILE A 177 -18.10 22.81 -18.07
N PRO A 178 -16.80 23.06 -17.80
CA PRO A 178 -15.91 23.53 -18.84
C PRO A 178 -15.51 22.41 -19.78
N ASP A 179 -15.12 22.77 -21.00
CA ASP A 179 -14.54 21.83 -21.94
C ASP A 179 -13.07 21.65 -21.61
N LEU A 180 -12.48 20.56 -22.10
CA LEU A 180 -11.04 20.40 -22.10
C LEU A 180 -10.48 21.16 -23.30
N VAL A 181 -10.01 22.38 -23.04
CA VAL A 181 -9.40 23.20 -24.07
C VAL A 181 -7.89 23.25 -23.78
N LEU A 182 -7.20 22.26 -24.32
CA LEU A 182 -5.75 22.13 -24.20
C LEU A 182 -5.27 21.49 -25.49
N SER A 183 -4.38 22.19 -26.18
CA SER A 183 -3.86 21.74 -27.47
C SER A 183 -3.20 20.36 -27.39
N ALA A 184 -3.54 19.51 -28.35
CA ALA A 184 -2.98 18.16 -28.46
C ALA A 184 -1.56 18.19 -29.05
N HIS A 185 -1.22 19.27 -29.73
CA HIS A 185 0.12 19.44 -30.30
C HIS A 185 0.99 20.18 -29.30
N GLY A 186 2.01 19.51 -28.79
CA GLY A 186 2.92 20.12 -27.83
C GLY A 186 3.80 21.19 -28.45
N ALA A 187 4.40 22.02 -27.60
CA ALA A 187 5.30 23.08 -28.04
C ALA A 187 6.54 22.50 -28.71
N ARG A 188 6.99 23.15 -29.78
CA ARG A 188 8.14 22.68 -30.56
C ARG A 188 9.34 23.64 -30.45
N PRO A 189 10.55 23.13 -30.73
CA PRO A 189 11.75 23.96 -30.64
C PRO A 189 11.74 25.13 -31.62
N ASP A 190 12.45 26.20 -31.25
CA ASP A 190 12.72 27.31 -32.15
C ASP A 190 13.43 26.77 -33.40
N PRO A 191 13.06 27.28 -34.60
CA PRO A 191 13.68 26.86 -35.87
C PRO A 191 15.20 26.85 -35.84
N ALA A 192 15.81 27.83 -35.16
CA ALA A 192 17.26 27.93 -35.04
C ALA A 192 17.85 26.74 -34.28
N ASP A 193 17.16 26.33 -33.21
CA ASP A 193 17.56 25.16 -32.42
C ASP A 193 17.38 23.88 -33.21
N LEU A 194 16.29 23.80 -33.97
CA LEU A 194 16.00 22.64 -34.81
C LEU A 194 17.01 22.53 -35.95
N ASP A 195 17.40 23.68 -36.51
CA ASP A 195 18.44 23.73 -37.54
C ASP A 195 19.80 23.28 -37.01
N GLN A 196 20.18 23.81 -35.85
CA GLN A 196 21.42 23.43 -35.17
C GLN A 196 21.44 21.93 -34.85
N ALA A 197 20.29 21.38 -34.44
CA ALA A 197 20.16 19.96 -34.17
C ALA A 197 20.32 19.11 -35.43
N LEU A 198 19.67 19.53 -36.51
CA LEU A 198 19.73 18.82 -37.79
C LEU A 198 21.09 18.97 -38.47
N ALA A 199 21.78 20.08 -38.20
CA ALA A 199 23.11 20.33 -38.75
C ALA A 199 24.17 19.44 -38.09
N LEU A 200 24.00 19.21 -36.78
CA LEU A 200 24.87 18.30 -36.03
C LEU A 200 24.62 16.85 -36.44
N LEU A 201 23.34 16.53 -36.70
CA LEU A 201 22.93 15.19 -37.11
C LEU A 201 23.41 14.84 -38.51
N ARG A 202 23.59 15.86 -39.36
CA ARG A 202 24.00 15.67 -40.74
C ARG A 202 25.50 15.36 -40.88
N LYS A 203 26.32 16.00 -40.06
CA LYS A 203 27.77 15.82 -40.12
C LYS A 203 28.27 14.69 -39.21
N ALA A 204 27.38 14.15 -38.39
CA ALA A 204 27.71 13.05 -37.48
C ALA A 204 28.04 11.75 -38.22
N GLU A 205 29.04 11.03 -37.73
CA GLU A 205 29.46 9.76 -38.32
C GLU A 205 28.65 8.59 -37.77
N ARG A 206 28.32 8.65 -36.48
CA ARG A 206 27.57 7.59 -35.81
C ARG A 206 26.44 8.17 -34.93
N PRO A 207 25.41 8.74 -35.56
CA PRO A 207 24.32 9.33 -34.77
C PRO A 207 23.32 8.28 -34.27
N VAL A 208 22.76 8.53 -33.10
CA VAL A 208 21.81 7.64 -32.45
C VAL A 208 20.69 8.45 -31.79
N ILE A 209 19.45 8.00 -31.95
CA ILE A 209 18.30 8.61 -31.29
C ILE A 209 17.88 7.76 -30.09
N VAL A 210 17.67 8.40 -28.95
CA VAL A 210 17.22 7.70 -27.75
C VAL A 210 15.87 8.26 -27.28
N LEU A 211 14.84 7.41 -27.31
CA LEU A 211 13.48 7.82 -26.94
C LEU A 211 13.15 7.52 -25.48
N GLY A 212 12.49 8.46 -24.83
CA GLY A 212 12.04 8.28 -23.44
C GLY A 212 10.53 8.16 -23.34
N SER A 213 10.03 8.21 -22.11
CA SER A 213 8.60 8.01 -21.83
C SER A 213 7.70 9.03 -22.51
N GLU A 214 8.15 10.27 -22.61
CA GLU A 214 7.38 11.35 -23.23
C GLU A 214 7.10 11.12 -24.72
N ALA A 215 7.98 10.35 -25.37
CA ALA A 215 7.76 9.93 -26.75
C ALA A 215 6.59 8.95 -26.87
N SER A 216 6.37 8.16 -25.82
CA SER A 216 5.26 7.20 -25.77
C SER A 216 3.92 7.85 -25.45
N ARG A 217 3.94 8.86 -24.59
CA ARG A 217 2.73 9.56 -24.15
C ARG A 217 2.02 10.28 -25.30
N THR A 218 2.80 10.92 -26.17
CA THR A 218 2.27 11.64 -27.31
C THR A 218 2.09 10.73 -28.52
N ALA A 219 2.94 9.71 -28.62
CA ALA A 219 2.84 8.66 -29.65
C ALA A 219 2.69 9.17 -31.08
N ARG A 220 3.59 10.06 -31.50
CA ARG A 220 3.61 10.56 -32.86
C ARG A 220 4.37 9.58 -33.75
N LYS A 221 3.69 8.48 -34.08
CA LYS A 221 4.31 7.34 -34.78
C LYS A 221 4.56 7.61 -36.26
N THR A 222 3.59 8.21 -36.94
CA THR A 222 3.73 8.52 -38.37
C THR A 222 4.79 9.60 -38.62
N ALA A 223 4.92 10.53 -37.68
CA ALA A 223 5.95 11.57 -37.73
C ALA A 223 7.34 10.99 -37.45
N LEU A 224 7.41 10.04 -36.51
CA LEU A 224 8.67 9.38 -36.18
C LEU A 224 9.24 8.60 -37.38
N SER A 225 8.39 7.80 -38.02
CA SER A 225 8.80 7.03 -39.19
C SER A 225 9.29 7.93 -40.33
N ALA A 226 8.60 9.04 -40.56
CA ALA A 226 8.96 10.00 -41.59
C ALA A 226 10.34 10.62 -41.36
N PHE A 227 10.64 10.94 -40.11
CA PHE A 227 11.93 11.51 -39.72
C PHE A 227 13.06 10.48 -39.83
N VAL A 228 12.75 9.24 -39.42
CA VAL A 228 13.73 8.15 -39.45
C VAL A 228 14.04 7.67 -40.87
N ALA A 229 13.01 7.62 -41.73
CA ALA A 229 13.19 7.23 -43.12
C ALA A 229 13.96 8.27 -43.93
N ALA A 230 13.82 9.54 -43.54
CA ALA A 230 14.50 10.64 -44.24
C ALA A 230 15.97 10.78 -43.84
N THR A 231 16.27 10.51 -42.57
CA THR A 231 17.62 10.67 -42.04
C THR A 231 18.42 9.36 -42.00
N GLY A 232 17.72 8.25 -41.73
CA GLY A 232 18.37 6.94 -41.63
C GLY A 232 19.18 6.75 -40.36
N VAL A 233 18.73 7.37 -39.27
CA VAL A 233 19.43 7.30 -37.99
C VAL A 233 18.82 6.17 -37.13
N PRO A 234 19.67 5.28 -36.59
CA PRO A 234 19.22 4.19 -35.72
C PRO A 234 18.58 4.74 -34.44
N VAL A 235 17.49 4.11 -34.00
CA VAL A 235 16.74 4.60 -32.85
C VAL A 235 16.76 3.61 -31.69
N PHE A 236 17.22 4.09 -30.54
CA PHE A 236 17.18 3.34 -29.29
C PHE A 236 16.09 3.91 -28.38
N ALA A 237 15.72 3.16 -27.35
CA ALA A 237 14.67 3.58 -26.41
C ALA A 237 14.79 2.84 -25.09
N ASP A 238 14.43 3.50 -24.00
CA ASP A 238 14.33 2.83 -22.71
C ASP A 238 13.06 1.97 -22.68
N TYR A 239 12.83 1.27 -21.56
CA TYR A 239 11.67 0.38 -21.45
C TYR A 239 10.36 1.04 -21.92
N GLU A 240 10.11 2.25 -21.43
CA GLU A 240 8.87 2.97 -21.72
C GLU A 240 8.79 3.49 -23.17
N GLY A 241 9.95 3.72 -23.79
CA GLY A 241 10.00 4.21 -25.16
C GLY A 241 10.03 3.12 -26.22
N LEU A 242 10.13 1.86 -25.77
CA LEU A 242 10.34 0.71 -26.66
C LEU A 242 9.22 0.49 -27.69
N SER A 243 7.97 0.64 -27.26
CA SER A 243 6.83 0.39 -28.14
C SER A 243 6.75 1.38 -29.31
N MET A 244 7.45 2.51 -29.18
CA MET A 244 7.53 3.50 -30.24
C MET A 244 8.43 3.06 -31.40
N LEU A 245 9.23 2.01 -31.16
CA LEU A 245 10.13 1.47 -32.19
C LEU A 245 9.43 0.45 -33.07
N SER A 246 8.23 0.05 -32.68
CA SER A 246 7.51 -1.06 -33.33
C SER A 246 7.02 -0.75 -34.74
N GLY A 247 6.90 0.53 -35.08
CA GLY A 247 6.46 0.95 -36.40
C GLY A 247 7.60 1.31 -37.34
N LEU A 248 8.83 1.19 -36.84
CA LEU A 248 10.03 1.52 -37.62
C LEU A 248 10.54 0.32 -38.41
N PRO A 249 11.24 0.56 -39.54
CA PRO A 249 11.92 -0.51 -40.27
C PRO A 249 12.96 -1.22 -39.41
N ASP A 250 13.17 -2.51 -39.68
CA ASP A 250 14.05 -3.37 -38.88
C ASP A 250 15.50 -2.88 -38.79
N ALA A 251 16.02 -2.33 -39.89
CA ALA A 251 17.41 -1.87 -39.96
C ALA A 251 17.67 -0.61 -39.12
N MET A 252 16.59 0.08 -38.74
CA MET A 252 16.68 1.32 -37.98
C MET A 252 16.49 1.09 -36.48
N ARG A 253 16.09 -0.12 -36.11
CA ARG A 253 15.76 -0.45 -34.72
C ARG A 253 17.00 -0.85 -33.91
N GLY A 254 17.47 0.06 -33.08
CA GLY A 254 18.57 -0.21 -32.16
C GLY A 254 18.11 -1.01 -30.96
N GLY A 255 16.82 -0.91 -30.64
CA GLY A 255 16.23 -1.63 -29.52
C GLY A 255 16.36 -0.86 -28.22
N LEU A 256 16.54 -1.59 -27.12
CA LEU A 256 16.73 -0.98 -25.80
C LEU A 256 18.12 -0.37 -25.67
N VAL A 257 18.20 0.76 -24.95
CA VAL A 257 19.45 1.51 -24.76
C VAL A 257 20.53 0.70 -24.06
N GLN A 258 20.12 -0.36 -23.37
CA GLN A 258 21.04 -1.21 -22.61
C GLN A 258 22.17 -1.82 -23.46
N ASN A 259 21.84 -2.24 -24.68
CA ASN A 259 22.83 -2.85 -25.57
C ASN A 259 23.69 -1.84 -26.35
N LEU A 260 23.71 -0.60 -25.86
CA LEU A 260 24.63 0.44 -26.34
C LEU A 260 25.91 0.38 -25.51
N TYR A 261 25.93 -0.54 -24.54
CA TYR A 261 27.03 -0.77 -23.61
C TYR A 261 28.30 -1.28 -24.29
N SER A 262 28.14 -2.23 -25.21
CA SER A 262 29.28 -2.87 -25.88
C SER A 262 29.82 -2.07 -27.07
N PHE A 263 29.28 -0.88 -27.28
CA PHE A 263 29.66 -0.01 -28.41
C PHE A 263 31.04 0.62 -28.24
N ALA A 264 31.43 0.89 -26.98
CA ALA A 264 32.72 1.48 -26.68
C ALA A 264 33.89 0.53 -26.98
N LYS A 265 33.66 -0.76 -26.75
CA LYS A 265 34.68 -1.79 -26.96
C LYS A 265 34.95 -2.04 -28.45
N ALA A 266 33.89 -2.01 -29.26
CA ALA A 266 34.00 -2.20 -30.71
C ALA A 266 34.36 -0.91 -31.45
N ASP A 267 34.79 0.09 -30.68
CA ASP A 267 35.11 1.44 -31.19
C ASP A 267 33.97 2.06 -32.01
N ALA A 268 32.75 1.73 -31.62
CA ALA A 268 31.54 2.19 -32.31
C ALA A 268 30.71 3.10 -31.40
N ALA A 269 31.34 3.65 -30.38
CA ALA A 269 30.69 4.59 -29.47
C ALA A 269 30.13 5.78 -30.25
N PRO A 270 28.81 6.02 -30.13
CA PRO A 270 28.10 7.05 -30.90
C PRO A 270 28.81 8.40 -30.96
N ASP A 271 28.80 9.02 -32.14
CA ASP A 271 29.38 10.34 -32.36
C ASP A 271 28.42 11.40 -31.84
N LEU A 272 27.14 11.21 -32.14
CA LEU A 272 26.09 12.10 -31.70
C LEU A 272 24.95 11.28 -31.12
N VAL A 273 24.32 11.81 -30.07
CA VAL A 273 23.14 11.17 -29.48
C VAL A 273 22.02 12.19 -29.29
N LEU A 274 20.88 11.90 -29.89
CA LEU A 274 19.70 12.74 -29.80
C LEU A 274 18.72 12.13 -28.79
N MET A 275 18.69 12.71 -27.60
CA MET A 275 17.82 12.23 -26.52
C MET A 275 16.47 12.95 -26.56
N LEU A 276 15.42 12.18 -26.78
CA LEU A 276 14.07 12.71 -26.89
C LEU A 276 13.19 12.15 -25.77
N GLY A 277 13.14 12.87 -24.65
CA GLY A 277 12.36 12.45 -23.49
C GLY A 277 13.12 11.54 -22.54
N ALA A 278 14.19 10.93 -23.03
CA ALA A 278 15.05 10.08 -22.21
C ALA A 278 15.90 10.91 -21.27
N ARG A 279 15.85 10.58 -19.99
CA ARG A 279 16.59 11.32 -18.97
C ARG A 279 17.91 10.63 -18.63
N PHE A 280 18.85 11.40 -18.09
CA PHE A 280 20.06 10.83 -17.49
C PHE A 280 19.69 10.20 -16.16
N GLY A 281 19.84 8.87 -16.08
CA GLY A 281 19.48 8.12 -14.88
C GLY A 281 19.67 6.63 -15.04
N LEU A 282 18.87 5.86 -14.29
CA LEU A 282 19.00 4.40 -14.25
C LEU A 282 19.02 3.73 -15.62
N ASN A 283 18.07 4.13 -16.48
CA ASN A 283 17.89 3.49 -17.79
C ASN A 283 18.97 3.85 -18.81
N THR A 284 19.53 5.05 -18.69
CA THR A 284 20.56 5.53 -19.63
C THR A 284 21.97 5.49 -19.03
N GLY A 285 22.13 4.71 -17.96
CA GLY A 285 23.44 4.52 -17.32
C GLY A 285 23.98 5.73 -16.59
N HIS A 286 23.06 6.53 -16.02
CA HIS A 286 23.39 7.72 -15.23
C HIS A 286 24.36 8.66 -15.98
N GLY A 287 25.42 9.07 -15.30
CA GLY A 287 26.47 9.90 -15.91
C GLY A 287 27.80 9.18 -15.98
N SER A 288 27.76 7.86 -16.21
CA SER A 288 28.95 7.03 -16.25
C SER A 288 29.61 7.03 -17.63
N GLY A 289 28.81 7.27 -18.67
CA GLY A 289 29.30 7.30 -20.04
C GLY A 289 29.29 5.95 -20.73
N GLN A 290 28.80 4.93 -20.03
CA GLN A 290 28.80 3.54 -20.51
C GLN A 290 27.79 3.30 -21.63
N LEU A 291 26.66 4.01 -21.57
CA LEU A 291 25.65 3.96 -22.63
C LEU A 291 25.71 5.22 -23.50
N ILE A 292 25.53 6.38 -22.85
CA ILE A 292 25.68 7.68 -23.51
C ILE A 292 27.10 8.18 -23.29
N PRO A 293 27.95 8.13 -24.34
CA PRO A 293 29.39 8.42 -24.19
C PRO A 293 29.68 9.87 -23.82
N HIS A 294 30.78 10.08 -23.09
CA HIS A 294 31.23 11.41 -22.70
C HIS A 294 31.79 12.20 -23.88
N SER A 295 32.41 11.49 -24.81
CA SER A 295 33.01 12.09 -26.01
C SER A 295 31.97 12.51 -27.04
N ALA A 296 30.76 11.97 -26.91
CA ALA A 296 29.67 12.25 -27.84
C ALA A 296 29.02 13.60 -27.58
N GLN A 297 28.59 14.25 -28.66
CA GLN A 297 27.80 15.47 -28.57
C GLN A 297 26.33 15.10 -28.36
N VAL A 298 25.73 15.63 -27.30
CA VAL A 298 24.38 15.25 -26.91
C VAL A 298 23.39 16.39 -27.18
N ILE A 299 22.38 16.10 -27.98
CA ILE A 299 21.23 16.99 -28.13
C ILE A 299 20.09 16.41 -27.30
N GLN A 300 19.70 17.14 -26.26
CA GLN A 300 18.64 16.67 -25.36
C GLN A 300 17.40 17.55 -25.42
N VAL A 301 16.27 16.92 -25.69
CA VAL A 301 14.97 17.59 -25.68
C VAL A 301 14.12 17.00 -24.55
N ASP A 302 13.71 17.87 -23.63
CA ASP A 302 12.90 17.47 -22.48
C ASP A 302 12.08 18.66 -21.99
N PRO A 303 10.79 18.43 -21.65
CA PRO A 303 9.93 19.49 -21.12
C PRO A 303 10.40 20.05 -19.77
N ASP A 304 11.30 19.32 -19.10
CA ASP A 304 11.85 19.76 -17.83
C ASP A 304 13.32 20.16 -18.01
N ALA A 305 13.60 21.44 -17.73
CA ALA A 305 14.95 22.00 -17.87
C ALA A 305 15.95 21.39 -16.91
N CYS A 306 15.48 20.97 -15.74
CA CYS A 306 16.32 20.28 -14.74
C CYS A 306 17.04 19.08 -15.33
N GLU A 307 16.36 18.36 -16.21
CA GLU A 307 16.89 17.14 -16.81
C GLU A 307 17.95 17.40 -17.87
N LEU A 308 17.95 18.62 -18.42
CA LEU A 308 18.87 18.98 -19.50
C LEU A 308 20.34 18.96 -19.07
N GLY A 309 20.95 17.78 -19.26
CA GLY A 309 22.36 17.57 -18.93
C GLY A 309 22.66 17.50 -17.44
N ARG A 310 21.78 16.85 -16.68
CA ARG A 310 21.89 16.84 -15.22
C ARG A 310 23.07 16.02 -14.67
N LEU A 311 23.49 15.02 -15.42
CA LEU A 311 24.58 14.13 -14.98
C LEU A 311 25.77 14.14 -15.93
N GLN A 312 25.64 14.88 -17.04
CA GLN A 312 26.62 14.87 -18.11
C GLN A 312 26.56 16.16 -18.90
N GLY A 313 27.71 16.60 -19.41
CA GLY A 313 27.79 17.76 -20.28
C GLY A 313 27.11 17.48 -21.63
N ILE A 314 26.26 18.41 -22.04
CA ILE A 314 25.55 18.29 -23.33
C ILE A 314 25.90 19.44 -24.26
N ALA A 315 25.68 19.22 -25.56
CA ALA A 315 26.01 20.22 -26.59
C ALA A 315 24.85 21.16 -26.88
N LEU A 316 23.63 20.66 -26.74
CA LEU A 316 22.42 21.44 -26.98
C LEU A 316 21.27 20.96 -26.10
N GLY A 317 20.65 21.89 -25.39
CA GLY A 317 19.54 21.59 -24.51
C GLY A 317 18.30 22.38 -24.86
N ILE A 318 17.28 21.68 -25.34
CA ILE A 318 16.02 22.31 -25.75
C ILE A 318 14.89 21.90 -24.81
N VAL A 319 14.23 22.90 -24.22
CA VAL A 319 13.01 22.66 -23.47
C VAL A 319 11.81 22.78 -24.41
N ALA A 320 11.20 21.63 -24.69
CA ALA A 320 10.03 21.55 -25.57
C ALA A 320 9.32 20.22 -25.34
N ASP A 321 8.14 20.06 -25.94
CA ASP A 321 7.44 18.79 -25.92
C ASP A 321 8.10 17.84 -26.92
N VAL A 322 8.24 16.57 -26.51
CA VAL A 322 8.90 15.55 -27.32
C VAL A 322 8.08 15.23 -28.58
N GLY A 323 6.75 15.09 -28.40
CA GLY A 323 5.84 14.85 -29.52
C GLY A 323 5.85 15.97 -30.53
N GLY A 324 5.92 17.20 -30.04
CA GLY A 324 6.02 18.39 -30.89
C GLY A 324 7.34 18.48 -31.62
N THR A 325 8.40 18.06 -30.94
CA THR A 325 9.75 18.04 -31.52
C THR A 325 9.87 17.00 -32.64
N ILE A 326 9.40 15.78 -32.39
CA ILE A 326 9.39 14.72 -33.40
C ILE A 326 8.59 15.17 -34.62
N GLU A 327 7.45 15.80 -34.37
CA GLU A 327 6.63 16.41 -35.42
C GLU A 327 7.41 17.46 -36.21
N ALA A 328 8.15 18.30 -35.49
CA ALA A 328 8.96 19.36 -36.09
C ALA A 328 10.15 18.83 -36.88
N LEU A 329 10.79 17.79 -36.34
CA LEU A 329 11.93 17.15 -36.99
C LEU A 329 11.51 16.48 -38.30
N ALA A 330 10.33 15.86 -38.30
CA ALA A 330 9.77 15.24 -39.51
C ALA A 330 9.38 16.27 -40.56
N GLN A 331 8.75 17.35 -40.12
CA GLN A 331 8.28 18.42 -41.00
C GLN A 331 9.44 19.09 -41.74
N ALA A 332 10.51 19.39 -41.01
CA ALA A 332 11.69 20.04 -41.57
C ALA A 332 12.47 19.13 -42.53
N THR A 333 12.52 17.84 -42.20
CA THR A 333 13.28 16.86 -42.98
C THR A 333 12.51 16.30 -44.18
N ALA A 334 11.22 16.66 -44.29
CA ALA A 334 10.37 16.22 -45.39
C ALA A 334 10.71 16.94 -46.70
N GLN A 335 11.31 18.12 -46.59
CA GLN A 335 11.68 18.95 -47.74
C GLN A 335 13.19 19.01 -47.95
N ASP A 336 13.94 18.43 -47.04
CA ASP A 336 15.41 18.47 -47.06
C ASP A 336 15.98 17.57 -48.16
N ALA A 337 15.76 16.25 -48.03
CA ALA A 337 16.13 15.25 -49.03
C ALA A 337 17.59 15.30 -49.53
N ALA A 338 18.53 15.42 -48.60
CA ALA A 338 19.96 15.42 -48.92
C ALA A 338 20.80 14.84 -47.77
N TRP A 339 20.31 13.74 -47.19
CA TRP A 339 20.93 13.11 -46.03
C TRP A 339 21.88 11.98 -46.40
N PRO A 340 23.02 11.88 -45.68
CA PRO A 340 23.98 10.79 -45.86
C PRO A 340 23.36 9.40 -45.68
N ASP A 341 23.99 8.39 -46.30
CA ASP A 341 23.44 7.04 -46.34
C ASP A 341 23.38 6.37 -44.96
N ARG A 342 24.54 6.14 -44.35
CA ARG A 342 24.66 5.52 -43.02
C ARG A 342 24.08 4.10 -42.91
N GLY A 343 24.01 3.42 -44.05
CA GLY A 343 23.53 2.02 -44.09
C GLY A 343 24.47 1.09 -43.34
N ASP A 344 25.77 1.38 -43.44
CA ASP A 344 26.80 0.61 -42.74
C ASP A 344 26.71 0.76 -41.22
N TRP A 345 26.39 1.98 -40.77
CA TRP A 345 26.20 2.26 -39.34
C TRP A 345 24.93 1.60 -38.79
N CYS A 346 23.88 1.58 -39.61
CA CYS A 346 22.63 0.90 -39.27
C CYS A 346 22.79 -0.63 -39.24
N ALA A 347 23.73 -1.13 -40.03
CA ALA A 347 24.05 -2.55 -40.03
C ALA A 347 24.88 -2.92 -38.80
N LYS A 348 25.74 -2.01 -38.37
CA LYS A 348 26.62 -2.24 -37.22
C LYS A 348 25.86 -2.29 -35.90
N VAL A 349 24.88 -1.41 -35.74
CA VAL A 349 24.06 -1.37 -34.52
C VAL A 349 23.20 -2.62 -34.37
N THR A 350 22.74 -3.16 -35.50
CA THR A 350 21.94 -4.38 -35.53
C THR A 350 22.80 -5.61 -35.24
N ASP A 351 24.00 -5.65 -35.82
CA ASP A 351 24.94 -6.74 -35.61
C ASP A 351 25.44 -6.82 -34.17
N LEU A 352 25.66 -5.65 -33.56
CA LEU A 352 26.09 -5.58 -32.16
C LEU A 352 24.99 -6.01 -31.19
N ALA A 353 23.74 -5.72 -31.54
CA ALA A 353 22.58 -6.17 -30.78
C ALA A 353 22.40 -7.68 -30.91
N GLN A 354 22.67 -8.21 -32.11
CA GLN A 354 22.63 -9.65 -32.37
C GLN A 354 23.78 -10.37 -31.67
N GLU A 355 24.96 -9.74 -31.65
CA GLU A 355 26.14 -10.25 -30.95
C GLU A 355 25.83 -10.52 -29.48
N ARG A 356 25.10 -9.61 -28.86
CA ARG A 356 24.69 -9.71 -27.47
C ARG A 356 23.72 -10.89 -27.28
N TYR A 357 22.67 -10.94 -28.09
CA TYR A 357 21.63 -11.96 -28.01
C TYR A 357 22.17 -13.37 -28.28
N ALA A 358 23.06 -13.49 -29.26
CA ALA A 358 23.65 -14.79 -29.63
C ALA A 358 24.63 -15.30 -28.56
N SER A 359 25.27 -14.37 -27.86
CA SER A 359 26.20 -14.70 -26.78
C SER A 359 25.47 -15.28 -25.56
N ILE A 360 24.31 -14.70 -25.24
CA ILE A 360 23.49 -15.16 -24.11
C ILE A 360 22.89 -16.53 -24.41
N ALA A 361 22.45 -16.73 -25.65
CA ALA A 361 21.84 -17.98 -26.09
C ALA A 361 22.78 -19.18 -25.97
N ALA A 362 24.06 -18.95 -26.30
CA ALA A 362 25.09 -19.99 -26.24
C ALA A 362 25.44 -20.40 -24.81
N LYS A 363 25.24 -19.49 -23.87
CA LYS A 363 25.55 -19.73 -22.46
C LYS A 363 24.35 -20.28 -21.66
N SER A 364 23.18 -20.31 -22.30
CA SER A 364 21.95 -20.73 -21.64
C SER A 364 21.61 -22.18 -21.89
N SER A 365 21.25 -22.90 -20.83
CA SER A 365 20.91 -24.32 -20.92
C SER A 365 19.76 -24.70 -19.97
N SER A 366 18.80 -25.45 -20.50
CA SER A 366 17.67 -25.97 -19.73
C SER A 366 17.79 -27.49 -19.53
N GLU A 367 19.01 -27.95 -19.27
CA GLU A 367 19.31 -29.38 -19.17
C GLU A 367 18.77 -29.99 -17.86
N HIS A 368 18.81 -29.22 -16.78
CA HIS A 368 18.27 -29.66 -15.48
C HIS A 368 16.97 -28.95 -15.12
N ALA A 369 17.00 -27.62 -15.15
CA ALA A 369 15.83 -26.79 -14.89
C ALA A 369 15.68 -25.74 -15.99
N LEU A 370 14.45 -25.30 -16.23
CA LEU A 370 14.15 -24.32 -17.27
C LEU A 370 14.89 -23.00 -17.05
N HIS A 371 15.74 -22.65 -18.00
CA HIS A 371 16.54 -21.43 -17.95
C HIS A 371 15.64 -20.21 -18.21
N PRO A 372 15.78 -19.15 -17.38
CA PRO A 372 15.00 -17.91 -17.50
C PRO A 372 15.03 -17.28 -18.91
N PHE A 373 16.17 -17.40 -19.59
CA PHE A 373 16.32 -16.88 -20.95
C PHE A 373 15.53 -17.69 -21.96
N HIS A 374 15.51 -19.01 -21.80
CA HIS A 374 14.70 -19.89 -22.65
C HIS A 374 13.21 -19.63 -22.42
N ALA A 375 12.84 -19.39 -21.16
CA ALA A 375 11.48 -19.02 -20.79
C ALA A 375 11.07 -17.69 -21.40
N SER A 376 12.02 -16.75 -21.47
CA SER A 376 11.81 -15.44 -22.07
C SER A 376 11.59 -15.52 -23.59
N GLN A 377 12.28 -16.47 -24.22
CA GLN A 377 12.17 -16.69 -25.67
C GLN A 377 10.79 -17.19 -26.08
N VAL A 378 10.22 -18.10 -25.28
CA VAL A 378 8.87 -18.64 -25.50
C VAL A 378 7.84 -17.51 -25.58
N ILE A 379 7.91 -16.57 -24.63
CA ILE A 379 7.04 -15.40 -24.63
C ILE A 379 7.29 -14.52 -25.86
N ALA A 380 8.56 -14.23 -26.12
CA ALA A 380 8.98 -13.39 -27.26
C ALA A 380 8.37 -13.84 -28.59
N LYS A 381 8.24 -15.15 -28.77
CA LYS A 381 7.66 -15.75 -29.96
C LYS A 381 6.21 -15.34 -30.22
N HIS A 382 5.53 -14.90 -29.16
CA HIS A 382 4.13 -14.49 -29.23
C HIS A 382 3.94 -12.97 -29.21
N VAL A 383 5.04 -12.24 -29.18
CA VAL A 383 4.99 -10.78 -29.02
C VAL A 383 5.02 -10.04 -30.36
N ASP A 384 3.94 -9.31 -30.64
CA ASP A 384 3.87 -8.42 -31.79
C ASP A 384 3.03 -7.17 -31.48
N ALA A 385 2.65 -6.44 -32.52
CA ALA A 385 1.89 -5.19 -32.38
C ALA A 385 0.51 -5.38 -31.74
N GLY A 386 0.03 -6.62 -31.74
CA GLY A 386 -1.25 -6.95 -31.10
C GLY A 386 -1.12 -7.40 -29.66
N VAL A 387 0.07 -7.23 -29.08
CA VAL A 387 0.33 -7.68 -27.70
C VAL A 387 1.00 -6.60 -26.86
N THR A 388 0.47 -6.38 -25.65
CA THR A 388 1.12 -5.56 -24.65
C THR A 388 1.81 -6.45 -23.61
N VAL A 389 3.12 -6.27 -23.44
CA VAL A 389 3.89 -6.98 -22.44
C VAL A 389 4.10 -6.10 -21.21
N VAL A 390 3.65 -6.59 -20.05
CA VAL A 390 3.89 -5.92 -18.78
C VAL A 390 4.89 -6.74 -17.99
N ALA A 391 5.96 -6.09 -17.52
CA ALA A 391 7.05 -6.78 -16.86
C ALA A 391 7.20 -6.37 -15.40
N ASP A 392 7.18 -7.36 -14.52
CA ASP A 392 7.44 -7.18 -13.09
C ASP A 392 8.55 -8.16 -12.70
N GLY A 393 8.75 -8.38 -11.40
CA GLY A 393 9.86 -9.18 -10.90
C GLY A 393 11.17 -8.41 -11.03
N ALA A 394 12.28 -9.08 -10.75
CA ALA A 394 13.59 -8.44 -10.84
C ALA A 394 14.47 -9.15 -11.87
N LEU A 395 14.94 -10.35 -11.53
CA LEU A 395 15.64 -11.20 -12.50
C LEU A 395 14.73 -11.48 -13.69
N THR A 396 13.44 -11.61 -13.39
CA THR A 396 12.40 -11.82 -14.40
C THR A 396 12.43 -10.78 -15.52
N TYR A 397 12.43 -9.50 -15.16
CA TYR A 397 12.43 -8.44 -16.17
C TYR A 397 13.79 -8.21 -16.81
N LEU A 398 14.85 -8.39 -16.02
CA LEU A 398 16.23 -8.27 -16.51
C LEU A 398 16.56 -9.33 -17.56
N TRP A 399 16.00 -10.52 -17.40
CA TRP A 399 16.14 -11.58 -18.40
C TRP A 399 15.25 -11.33 -19.61
N LEU A 400 14.04 -10.83 -19.37
CA LEU A 400 13.07 -10.56 -20.43
C LEU A 400 13.50 -9.44 -21.37
N SER A 401 14.22 -8.45 -20.82
CA SER A 401 14.70 -7.31 -21.60
C SER A 401 15.65 -7.73 -22.73
N GLU A 402 16.25 -8.91 -22.59
CA GLU A 402 17.19 -9.44 -23.57
C GLU A 402 16.52 -9.90 -24.86
N VAL A 403 15.24 -10.26 -24.77
CA VAL A 403 14.48 -10.73 -25.93
C VAL A 403 13.53 -9.67 -26.51
N MET A 404 13.35 -8.57 -25.77
CA MET A 404 12.37 -7.54 -26.14
C MET A 404 12.81 -6.61 -27.27
N SER A 405 14.12 -6.44 -27.44
CA SER A 405 14.66 -5.49 -28.41
C SER A 405 14.70 -6.02 -29.85
N ARG A 406 14.26 -7.25 -30.04
CA ARG A 406 14.19 -7.86 -31.38
C ARG A 406 12.76 -8.20 -31.81
N VAL A 407 11.81 -7.95 -30.91
CA VAL A 407 10.39 -8.05 -31.24
C VAL A 407 9.76 -6.66 -31.29
N LYS A 408 8.53 -6.58 -31.80
CA LYS A 408 7.83 -5.30 -31.95
C LYS A 408 6.52 -5.28 -31.15
N PRO A 409 6.61 -5.07 -29.82
CA PRO A 409 5.40 -5.11 -28.98
C PRO A 409 4.47 -3.93 -29.25
N GLY A 410 3.18 -4.16 -29.07
CA GLY A 410 2.18 -3.10 -29.09
C GLY A 410 2.38 -2.19 -27.89
N GLY A 411 2.88 -2.77 -26.80
CA GLY A 411 3.20 -2.04 -25.58
C GLY A 411 4.19 -2.80 -24.72
N PHE A 412 5.05 -2.07 -24.04
CA PHE A 412 5.98 -2.66 -23.08
C PHE A 412 6.04 -1.83 -21.81
N LEU A 413 5.38 -2.32 -20.76
CA LEU A 413 5.29 -1.61 -19.51
C LEU A 413 6.12 -2.29 -18.42
N CYS A 414 7.32 -1.77 -18.22
CA CYS A 414 8.25 -2.33 -17.24
C CYS A 414 8.43 -1.36 -16.06
N HIS A 415 9.27 -1.75 -15.10
CA HIS A 415 9.62 -0.90 -13.96
C HIS A 415 10.31 0.38 -14.38
N GLY A 416 9.99 1.48 -13.70
CA GLY A 416 10.71 2.74 -13.87
C GLY A 416 11.69 2.93 -12.73
N TYR A 417 11.88 4.18 -12.31
CA TYR A 417 12.84 4.50 -11.26
C TYR A 417 12.47 3.96 -9.88
N LEU A 418 11.16 3.86 -9.60
CA LEU A 418 10.70 3.37 -8.31
C LEU A 418 11.16 1.92 -8.10
N GLY A 419 11.10 1.13 -9.16
CA GLY A 419 11.49 -0.28 -9.13
C GLY A 419 10.74 -1.09 -8.10
N SER A 420 9.48 -0.71 -7.88
CA SER A 420 8.67 -1.31 -6.83
C SER A 420 8.09 -2.64 -7.25
N MET A 421 8.49 -3.71 -6.57
CA MET A 421 8.03 -5.07 -6.86
C MET A 421 6.54 -5.22 -6.54
N GLY A 422 5.80 -5.76 -7.51
CA GLY A 422 4.39 -6.05 -7.30
C GLY A 422 3.41 -5.14 -8.04
N VAL A 423 3.94 -4.07 -8.63
CA VAL A 423 3.11 -3.09 -9.35
C VAL A 423 2.52 -3.63 -10.66
N GLY A 424 3.10 -4.73 -11.15
CA GLY A 424 2.79 -5.27 -12.47
C GLY A 424 1.39 -5.82 -12.67
N PHE A 425 0.84 -6.42 -11.63
CA PHE A 425 -0.50 -7.02 -11.70
C PHE A 425 -1.55 -5.97 -12.01
N GLY A 426 -1.61 -4.92 -11.19
CA GLY A 426 -2.53 -3.80 -11.41
C GLY A 426 -2.28 -3.13 -12.75
N THR A 427 -1.02 -2.83 -13.02
CA THR A 427 -0.60 -2.24 -14.30
C THR A 427 -1.15 -3.02 -15.49
N ALA A 428 -0.97 -4.34 -15.47
CA ALA A 428 -1.43 -5.21 -16.55
C ALA A 428 -2.96 -5.28 -16.65
N LEU A 429 -3.63 -5.27 -15.49
CA LEU A 429 -5.10 -5.27 -15.43
C LEU A 429 -5.69 -4.06 -16.14
N GLY A 430 -5.15 -2.88 -15.84
CA GLY A 430 -5.58 -1.64 -16.47
C GLY A 430 -5.19 -1.58 -17.93
N ALA A 431 -4.02 -2.11 -18.24
CA ALA A 431 -3.53 -2.21 -19.62
C ALA A 431 -4.46 -3.06 -20.48
N GLN A 432 -4.97 -4.16 -19.93
CA GLN A 432 -5.88 -5.04 -20.64
C GLN A 432 -7.20 -4.36 -20.98
N VAL A 433 -7.68 -3.49 -20.09
CA VAL A 433 -8.88 -2.69 -20.32
C VAL A 433 -8.69 -1.77 -21.54
N ALA A 434 -7.54 -1.12 -21.61
CA ALA A 434 -7.16 -0.29 -22.76
C ALA A 434 -6.93 -1.11 -24.02
N ASP A 435 -6.40 -2.33 -23.85
CA ASP A 435 -6.12 -3.22 -24.98
C ASP A 435 -7.39 -3.80 -25.60
N LEU A 436 -8.42 -3.98 -24.78
CA LEU A 436 -9.75 -4.39 -25.26
C LEU A 436 -10.33 -3.41 -26.28
N GLU A 437 -10.06 -2.12 -26.08
CA GLU A 437 -10.47 -1.07 -27.02
C GLU A 437 -9.76 -1.23 -28.37
N ALA A 438 -8.44 -1.44 -28.31
CA ALA A 438 -7.59 -1.50 -29.50
C ALA A 438 -7.47 -2.91 -30.09
N GLY A 439 -8.13 -3.88 -29.46
CA GLY A 439 -8.11 -5.27 -29.92
C GLY A 439 -6.79 -5.97 -29.68
N ARG A 440 -6.10 -5.62 -28.59
CA ARG A 440 -4.83 -6.24 -28.23
C ARG A 440 -4.97 -7.17 -27.04
N ARG A 441 -3.96 -8.01 -26.84
CA ARG A 441 -3.90 -8.92 -25.70
C ARG A 441 -2.77 -8.53 -24.75
N THR A 442 -3.04 -8.60 -23.46
CA THR A 442 -2.06 -8.23 -22.43
C THR A 442 -1.45 -9.45 -21.77
N ILE A 443 -0.12 -9.44 -21.65
CA ILE A 443 0.61 -10.51 -20.98
C ILE A 443 1.50 -9.92 -19.89
N LEU A 444 1.26 -10.35 -18.65
CA LEU A 444 2.12 -9.96 -17.53
C LEU A 444 3.18 -11.02 -17.29
N VAL A 445 4.43 -10.59 -17.26
CA VAL A 445 5.55 -11.46 -16.91
C VAL A 445 6.10 -10.99 -15.59
N THR A 446 5.84 -11.76 -14.53
CA THR A 446 6.16 -11.35 -13.17
C THR A 446 6.96 -12.42 -12.43
N GLY A 447 7.49 -12.05 -11.27
CA GLY A 447 8.18 -13.00 -10.39
C GLY A 447 7.22 -13.62 -9.39
N ASP A 448 7.62 -14.75 -8.81
CA ASP A 448 6.81 -15.42 -7.79
C ASP A 448 6.69 -14.56 -6.53
N GLY A 449 7.72 -13.77 -6.24
CA GLY A 449 7.69 -12.81 -5.14
C GLY A 449 6.74 -11.66 -5.43
N SER A 450 6.89 -11.05 -6.61
CA SER A 450 6.12 -9.87 -7.01
C SER A 450 4.61 -10.14 -7.12
N VAL A 451 4.25 -11.34 -7.58
CA VAL A 451 2.85 -11.69 -7.81
C VAL A 451 2.02 -11.74 -6.51
N GLY A 452 2.69 -12.04 -5.40
CA GLY A 452 2.05 -12.13 -4.09
C GLY A 452 1.50 -10.82 -3.56
N TYR A 453 1.99 -9.71 -4.10
CA TYR A 453 1.54 -8.37 -3.71
C TYR A 453 0.06 -8.14 -4.02
N SER A 454 -0.37 -8.60 -5.19
CA SER A 454 -1.72 -8.35 -5.69
C SER A 454 -2.39 -9.61 -6.22
N ILE A 455 -2.08 -10.76 -5.63
CA ILE A 455 -2.57 -12.06 -6.12
C ILE A 455 -4.10 -12.20 -6.03
N GLY A 456 -4.72 -11.36 -5.20
CA GLY A 456 -6.17 -11.31 -5.09
C GLY A 456 -6.85 -10.71 -6.30
N GLU A 457 -6.07 -10.14 -7.22
CA GLU A 457 -6.60 -9.52 -8.43
C GLU A 457 -7.07 -10.52 -9.49
N PHE A 458 -6.76 -11.80 -9.28
CA PHE A 458 -7.32 -12.87 -10.12
C PHE A 458 -8.84 -12.87 -10.00
N ASP A 459 -9.33 -12.51 -8.81
CA ASP A 459 -10.76 -12.33 -8.56
C ASP A 459 -11.35 -11.25 -9.47
N THR A 460 -10.66 -10.11 -9.55
CA THR A 460 -11.08 -8.98 -10.38
C THR A 460 -11.06 -9.34 -11.87
N LEU A 461 -10.00 -10.05 -12.29
CA LEU A 461 -9.89 -10.58 -13.64
C LEU A 461 -11.13 -11.40 -14.03
N VAL A 462 -11.54 -12.28 -13.12
CA VAL A 462 -12.69 -13.17 -13.34
C VAL A 462 -14.03 -12.42 -13.29
N ARG A 463 -14.21 -11.59 -12.26
CA ARG A 463 -15.43 -10.81 -12.08
C ARG A 463 -15.70 -9.88 -13.26
N LYS A 464 -14.64 -9.22 -13.74
CA LYS A 464 -14.74 -8.26 -14.84
C LYS A 464 -14.47 -8.88 -16.22
N GLN A 465 -14.18 -10.17 -16.22
CA GLN A 465 -13.90 -10.94 -17.46
C GLN A 465 -12.80 -10.31 -18.31
N LEU A 466 -11.67 -10.00 -17.67
CA LEU A 466 -10.50 -9.46 -18.37
C LEU A 466 -9.53 -10.60 -18.68
N PRO A 467 -9.30 -10.88 -19.97
CA PRO A 467 -8.53 -12.06 -20.41
C PRO A 467 -7.00 -11.94 -20.23
N LEU A 468 -6.57 -11.26 -19.16
CA LEU A 468 -5.15 -11.11 -18.87
C LEU A 468 -4.46 -12.44 -18.61
N ILE A 469 -3.29 -12.62 -19.20
CA ILE A 469 -2.46 -13.79 -18.97
C ILE A 469 -1.31 -13.43 -18.03
N VAL A 470 -1.31 -14.04 -16.86
CA VAL A 470 -0.29 -13.78 -15.84
C VAL A 470 0.74 -14.89 -15.83
N ILE A 471 1.95 -14.57 -16.28
CA ILE A 471 3.04 -15.53 -16.29
C ILE A 471 3.94 -15.29 -15.08
N ILE A 472 4.03 -16.31 -14.22
CA ILE A 472 4.85 -16.23 -13.03
C ILE A 472 6.15 -17.00 -13.24
N MET A 473 7.27 -16.28 -13.20
CA MET A 473 8.59 -16.90 -13.27
C MET A 473 9.03 -17.33 -11.88
N ASN A 474 8.67 -18.56 -11.53
CA ASN A 474 8.85 -19.09 -10.19
C ASN A 474 10.25 -19.69 -9.99
N ASN A 475 11.13 -18.91 -9.38
CA ASN A 475 12.44 -19.41 -8.94
C ASN A 475 12.51 -19.60 -7.43
N GLN A 476 11.33 -19.76 -6.82
CA GLN A 476 11.18 -20.13 -5.41
C GLN A 476 11.84 -19.14 -4.44
N SER A 477 11.87 -17.86 -4.81
CA SER A 477 12.59 -16.84 -4.03
C SER A 477 12.43 -15.41 -4.53
N TRP A 478 12.79 -14.47 -3.67
CA TRP A 478 13.06 -13.09 -4.08
C TRP A 478 14.46 -13.11 -4.73
N GLY A 479 14.48 -13.36 -6.04
CA GLY A 479 15.70 -13.71 -6.78
C GLY A 479 16.88 -12.76 -6.76
N ALA A 480 16.69 -11.54 -7.27
CA ALA A 480 17.77 -10.57 -7.38
C ALA A 480 18.37 -10.18 -6.02
N THR A 481 17.52 -10.17 -4.99
CA THR A 481 17.98 -9.89 -3.63
C THR A 481 18.77 -11.05 -3.05
N LEU A 482 18.37 -12.27 -3.39
CA LEU A 482 19.12 -13.48 -3.02
C LEU A 482 20.47 -13.51 -3.71
N HIS A 483 20.48 -13.10 -4.99
CA HIS A 483 21.69 -12.97 -5.78
C HIS A 483 22.67 -11.95 -5.20
N PHE A 484 22.12 -10.85 -4.67
CA PHE A 484 22.91 -9.82 -4.01
C PHE A 484 23.56 -10.35 -2.74
N GLN A 485 22.82 -11.17 -1.99
CA GLN A 485 23.32 -11.78 -0.76
C GLN A 485 24.47 -12.77 -1.04
N GLN A 486 24.35 -13.51 -2.14
CA GLN A 486 25.36 -14.47 -2.54
C GLN A 486 26.63 -13.80 -3.09
N LEU A 487 26.43 -12.78 -3.93
CA LEU A 487 27.53 -12.12 -4.63
C LEU A 487 28.24 -11.04 -3.82
N ALA A 488 27.47 -10.24 -3.09
CA ALA A 488 28.03 -9.09 -2.36
C ALA A 488 28.45 -9.41 -0.93
N VAL A 489 27.88 -10.46 -0.34
CA VAL A 489 28.19 -10.84 1.05
C VAL A 489 28.85 -12.22 1.15
N GLY A 490 28.21 -13.24 0.56
CA GLY A 490 28.71 -14.60 0.59
C GLY A 490 27.66 -15.66 0.30
N PRO A 491 28.08 -16.85 -0.17
CA PRO A 491 27.16 -17.92 -0.55
C PRO A 491 26.33 -18.46 0.62
N ASN A 492 26.86 -18.35 1.84
CA ASN A 492 26.18 -18.81 3.04
C ASN A 492 25.43 -17.70 3.81
N ARG A 493 25.29 -16.53 3.18
CA ARG A 493 24.67 -15.37 3.83
C ARG A 493 23.29 -15.05 3.26
N VAL A 494 22.50 -16.09 3.01
CA VAL A 494 21.16 -15.94 2.45
C VAL A 494 20.06 -16.09 3.51
N THR A 495 19.39 -14.98 3.82
CA THR A 495 18.25 -14.96 4.74
C THR A 495 17.12 -14.04 4.28
N GLY A 496 15.88 -14.51 4.45
CA GLY A 496 14.69 -13.73 4.15
C GLY A 496 14.38 -13.55 2.68
N THR A 497 15.13 -14.25 1.83
CA THR A 497 14.98 -14.10 0.38
C THR A 497 14.45 -15.36 -0.31
N ARG A 498 14.26 -16.43 0.44
CA ARG A 498 13.75 -17.68 -0.10
C ARG A 498 12.22 -17.77 0.05
N LEU A 499 11.56 -18.31 -0.97
CA LEU A 499 10.11 -18.47 -0.98
C LEU A 499 9.72 -19.87 -1.49
N GLU A 500 10.04 -20.88 -0.69
CA GLU A 500 9.88 -22.28 -1.10
C GLU A 500 8.52 -22.85 -0.67
N ASN A 501 7.45 -22.16 -1.06
CA ASN A 501 6.09 -22.53 -0.68
C ASN A 501 5.06 -21.88 -1.59
N GLY A 502 3.92 -22.53 -1.76
CA GLY A 502 2.76 -21.92 -2.42
C GLY A 502 2.51 -22.38 -3.84
N SER A 503 1.26 -22.73 -4.12
CA SER A 503 0.80 -23.08 -5.46
C SER A 503 0.03 -21.91 -6.03
N TYR A 504 0.72 -21.09 -6.83
CA TYR A 504 0.14 -19.85 -7.36
C TYR A 504 -0.99 -20.09 -8.36
N HIS A 505 -0.86 -21.14 -9.15
CA HIS A 505 -1.93 -21.56 -10.07
C HIS A 505 -3.15 -22.08 -9.30
N GLY A 506 -2.88 -22.70 -8.14
CA GLY A 506 -3.95 -23.14 -7.24
C GLY A 506 -4.73 -21.98 -6.65
N VAL A 507 -4.01 -20.91 -6.33
CA VAL A 507 -4.62 -19.67 -5.84
C VAL A 507 -5.51 -19.06 -6.94
N ALA A 508 -4.97 -18.99 -8.15
CA ALA A 508 -5.70 -18.45 -9.30
C ALA A 508 -6.95 -19.27 -9.63
N ALA A 509 -6.83 -20.59 -9.52
CA ALA A 509 -7.96 -21.50 -9.75
C ALA A 509 -9.05 -21.31 -8.70
N ALA A 510 -8.63 -21.05 -7.46
CA ALA A 510 -9.55 -20.80 -6.36
C ALA A 510 -10.33 -19.49 -6.55
N PHE A 511 -9.77 -18.57 -7.32
CA PHE A 511 -10.44 -17.32 -7.67
C PHE A 511 -11.25 -17.44 -8.97
N GLY A 512 -11.17 -18.59 -9.64
CA GLY A 512 -11.96 -18.87 -10.83
C GLY A 512 -11.23 -18.73 -12.16
N ALA A 513 -9.94 -18.44 -12.10
CA ALA A 513 -9.12 -18.27 -13.30
C ALA A 513 -8.41 -19.57 -13.68
N ASP A 514 -8.09 -19.71 -14.96
CA ASP A 514 -7.36 -20.89 -15.45
C ASP A 514 -5.94 -20.94 -14.90
N GLY A 515 -5.59 -22.06 -14.28
CA GLY A 515 -4.27 -22.22 -13.66
C GLY A 515 -3.42 -23.29 -14.33
N TYR A 516 -2.32 -22.85 -14.93
CA TYR A 516 -1.35 -23.75 -15.54
C TYR A 516 -0.09 -23.81 -14.68
N HIS A 517 0.53 -24.97 -14.62
CA HIS A 517 1.85 -25.12 -13.99
C HIS A 517 2.76 -25.90 -14.91
N VAL A 518 3.92 -25.31 -15.20
CA VAL A 518 4.84 -25.86 -16.18
C VAL A 518 6.28 -25.86 -15.64
N ASP A 519 7.09 -26.78 -16.13
CA ASP A 519 8.49 -26.88 -15.71
C ASP A 519 9.45 -27.24 -16.85
N SER A 520 9.01 -27.03 -18.09
CA SER A 520 9.82 -27.29 -19.27
C SER A 520 9.43 -26.36 -20.42
N VAL A 521 10.31 -26.27 -21.42
CA VAL A 521 10.08 -25.44 -22.62
C VAL A 521 8.78 -25.85 -23.33
N GLU A 522 8.64 -27.15 -23.57
CA GLU A 522 7.51 -27.72 -24.29
C GLU A 522 6.17 -27.49 -23.58
N SER A 523 6.14 -27.74 -22.27
CA SER A 523 4.93 -27.54 -21.48
C SER A 523 4.53 -26.07 -21.38
N PHE A 524 5.53 -25.20 -21.22
CA PHE A 524 5.31 -23.75 -21.18
C PHE A 524 4.81 -23.21 -22.52
N SER A 525 5.39 -23.72 -23.61
CA SER A 525 4.95 -23.36 -24.96
C SER A 525 3.47 -23.67 -25.19
N ALA A 526 3.04 -24.86 -24.78
CA ALA A 526 1.66 -25.29 -24.94
C ALA A 526 0.70 -24.50 -24.05
N ALA A 527 1.07 -24.33 -22.79
CA ALA A 527 0.26 -23.57 -21.83
C ALA A 527 0.05 -22.13 -22.30
N LEU A 528 1.12 -21.51 -22.80
CA LEU A 528 1.03 -20.14 -23.31
C LEU A 528 0.16 -20.05 -24.55
N ALA A 529 0.32 -21.02 -25.46
CA ALA A 529 -0.50 -21.10 -26.66
C ALA A 529 -1.97 -21.32 -26.31
N GLN A 530 -2.22 -22.21 -25.34
CA GLN A 530 -3.58 -22.47 -24.85
C GLN A 530 -4.21 -21.24 -24.19
N ALA A 531 -3.44 -20.56 -23.35
CA ALA A 531 -3.91 -19.34 -22.68
C ALA A 531 -4.30 -18.24 -23.68
N LEU A 532 -3.49 -18.09 -24.74
CA LEU A 532 -3.77 -17.14 -25.81
C LEU A 532 -5.04 -17.50 -26.59
N ALA A 533 -5.29 -18.80 -26.75
CA ALA A 533 -6.43 -19.28 -27.52
C ALA A 533 -7.78 -19.03 -26.84
N HIS A 534 -7.78 -18.94 -25.52
CA HIS A 534 -9.00 -18.73 -24.76
C HIS A 534 -9.22 -17.26 -24.41
N ASN A 535 -10.49 -16.86 -24.34
CA ASN A 535 -10.87 -15.52 -23.90
C ASN A 535 -11.15 -15.52 -22.40
N ARG A 536 -10.18 -15.99 -21.62
CA ARG A 536 -10.31 -16.09 -20.17
C ARG A 536 -9.06 -15.60 -19.45
N PRO A 537 -9.23 -15.16 -18.18
CA PRO A 537 -8.08 -14.87 -17.33
C PRO A 537 -7.27 -16.14 -17.11
N ALA A 538 -5.95 -16.04 -17.19
CA ALA A 538 -5.08 -17.20 -17.07
C ALA A 538 -3.87 -16.94 -16.19
N CYS A 539 -3.47 -17.97 -15.46
CA CYS A 539 -2.22 -17.96 -14.71
C CYS A 539 -1.33 -19.09 -15.18
N ILE A 540 -0.10 -18.76 -15.55
CA ILE A 540 0.89 -19.77 -15.92
C ILE A 540 2.06 -19.73 -14.94
N ASN A 541 2.02 -20.64 -13.98
CA ASN A 541 3.08 -20.80 -13.00
C ASN A 541 4.23 -21.56 -13.65
N VAL A 542 5.37 -20.89 -13.81
CA VAL A 542 6.51 -21.47 -14.54
C VAL A 542 7.69 -21.75 -13.61
N ALA A 543 8.06 -23.02 -13.50
CA ALA A 543 9.23 -23.41 -12.73
C ALA A 543 10.50 -23.05 -13.50
N VAL A 544 11.29 -22.15 -12.92
CA VAL A 544 12.43 -21.54 -13.60
C VAL A 544 13.68 -21.56 -12.70
N ALA A 545 14.84 -21.75 -13.30
CA ALA A 545 16.12 -21.81 -12.59
C ALA A 545 16.48 -20.47 -11.94
N LEU A 546 17.14 -20.55 -10.79
CA LEU A 546 17.50 -19.36 -10.01
C LEU A 546 18.95 -18.94 -10.23
N ASP A 547 19.84 -19.91 -10.40
CA ASP A 547 21.30 -19.68 -10.46
C ASP A 547 21.82 -18.74 -11.56
N PRO A 548 21.27 -18.82 -12.80
CA PRO A 548 21.77 -17.98 -13.90
C PRO A 548 21.76 -16.48 -13.58
N ILE A 549 22.83 -15.79 -13.98
CA ILE A 549 22.97 -14.35 -13.76
C ILE A 549 22.82 -13.59 -15.07
N PRO A 550 21.78 -12.74 -15.17
CA PRO A 550 21.60 -11.88 -16.35
C PRO A 550 22.67 -10.79 -16.43
N PRO A 551 23.13 -10.47 -17.65
CA PRO A 551 24.17 -9.44 -17.84
C PRO A 551 23.79 -8.08 -17.25
N GLU A 552 22.49 -7.75 -17.25
CA GLU A 552 22.00 -6.48 -16.73
C GLU A 552 22.08 -6.37 -15.21
N GLU A 553 22.13 -7.51 -14.51
CA GLU A 553 22.28 -7.54 -13.06
C GLU A 553 23.68 -7.07 -12.64
N LEU A 554 24.69 -7.56 -13.35
CA LEU A 554 26.09 -7.19 -13.08
C LEU A 554 26.35 -5.73 -13.44
N ILE A 555 25.63 -5.22 -14.43
CA ILE A 555 25.76 -3.85 -14.89
C ILE A 555 24.74 -2.94 -14.21
N ALA B 2 36.87 -5.21 14.09
CA ALA B 2 36.77 -3.81 14.59
C ALA B 2 35.86 -2.95 13.70
N MET B 3 35.96 -3.15 12.39
CA MET B 3 35.14 -2.43 11.43
C MET B 3 33.76 -3.07 11.31
N ILE B 4 32.72 -2.28 11.57
CA ILE B 4 31.33 -2.75 11.49
C ILE B 4 30.47 -1.85 10.60
N THR B 5 29.49 -2.46 9.95
CA THR B 5 28.59 -1.75 9.03
C THR B 5 27.61 -0.83 9.77
N GLY B 6 27.01 0.10 9.03
CA GLY B 6 25.96 0.97 9.57
C GLY B 6 24.75 0.17 10.01
N GLY B 7 24.48 -0.93 9.30
CA GLY B 7 23.41 -1.85 9.66
C GLY B 7 23.64 -2.56 10.98
N GLU B 8 24.92 -2.87 11.26
CA GLU B 8 25.33 -3.43 12.55
C GLU B 8 25.05 -2.49 13.70
N LEU B 9 25.31 -1.19 13.49
CA LEU B 9 25.04 -0.16 14.49
C LEU B 9 23.55 -0.07 14.82
N VAL B 10 22.70 -0.18 13.79
CA VAL B 10 21.25 -0.20 13.96
C VAL B 10 20.84 -1.35 14.87
N VAL B 11 21.33 -2.55 14.55
CA VAL B 11 20.96 -3.78 15.25
C VAL B 11 21.46 -3.81 16.70
N ARG B 12 22.72 -3.41 16.91
CA ARG B 12 23.30 -3.35 18.24
C ARG B 12 22.55 -2.38 19.16
N THR B 13 22.08 -1.28 18.59
CA THR B 13 21.25 -0.32 19.32
C THR B 13 19.87 -0.91 19.61
N LEU B 14 19.32 -1.62 18.63
CA LEU B 14 18.03 -2.29 18.78
C LEU B 14 18.04 -3.36 19.87
N ILE B 15 19.13 -4.13 19.94
CA ILE B 15 19.30 -5.17 20.96
C ILE B 15 19.42 -4.54 22.35
N LYS B 16 20.19 -3.46 22.45
CA LYS B 16 20.37 -2.72 23.70
C LYS B 16 19.06 -2.05 24.15
N ALA B 17 18.17 -1.81 23.18
CA ALA B 17 16.83 -1.30 23.47
C ALA B 17 15.89 -2.40 23.97
N GLY B 18 16.21 -3.65 23.61
CA GLY B 18 15.46 -4.81 24.08
C GLY B 18 14.52 -5.44 23.07
N VAL B 19 14.71 -5.12 21.78
CA VAL B 19 13.85 -5.70 20.74
C VAL B 19 14.33 -7.10 20.37
N GLU B 20 13.38 -8.01 20.16
CA GLU B 20 13.67 -9.41 19.91
C GLU B 20 13.11 -9.90 18.58
N HIS B 21 12.24 -9.10 17.97
CA HIS B 21 11.63 -9.44 16.68
C HIS B 21 11.55 -8.24 15.75
N LEU B 22 11.80 -8.49 14.47
CA LEU B 22 11.61 -7.50 13.42
C LEU B 22 10.61 -8.02 12.38
N PHE B 23 9.89 -7.10 11.75
CA PHE B 23 8.97 -7.45 10.69
C PHE B 23 9.33 -6.64 9.46
N GLY B 24 9.49 -7.30 8.33
CA GLY B 24 9.90 -6.61 7.12
C GLY B 24 9.80 -7.39 5.82
N LEU B 25 10.45 -6.83 4.80
CA LEU B 25 10.56 -7.42 3.47
C LEU B 25 11.96 -7.05 3.01
N HIS B 26 12.70 -8.03 2.49
CA HIS B 26 14.09 -7.81 2.13
C HIS B 26 14.30 -6.79 1.00
N GLY B 27 15.40 -6.04 1.10
CA GLY B 27 15.89 -5.20 0.03
C GLY B 27 17.40 -5.06 0.15
N SER B 28 18.08 -4.92 -0.99
CA SER B 28 19.54 -4.77 -1.02
C SER B 28 20.02 -3.54 -0.25
N HIS B 29 19.17 -2.52 -0.19
CA HIS B 29 19.46 -1.28 0.53
C HIS B 29 19.52 -1.50 2.04
N ILE B 30 18.77 -2.49 2.53
CA ILE B 30 18.71 -2.81 3.97
C ILE B 30 19.33 -4.17 4.33
N ASP B 31 20.13 -4.72 3.42
CA ASP B 31 20.75 -6.04 3.65
C ASP B 31 21.69 -6.07 4.86
N THR B 32 22.38 -4.96 5.11
CA THR B 32 23.33 -4.87 6.23
C THR B 32 22.63 -5.08 7.58
N ILE B 33 21.35 -4.70 7.65
CA ILE B 33 20.53 -4.94 8.84
C ILE B 33 20.13 -6.43 8.92
N PHE B 34 19.76 -7.00 7.77
CA PHE B 34 19.47 -8.44 7.66
C PHE B 34 20.65 -9.32 8.07
N GLN B 35 21.85 -8.93 7.63
CA GLN B 35 23.07 -9.68 7.92
C GLN B 35 23.47 -9.58 9.38
N ALA B 36 23.22 -8.41 9.98
CA ALA B 36 23.53 -8.17 11.38
C ALA B 36 22.58 -8.93 12.32
N CYS B 37 21.32 -9.01 11.92
CA CYS B 37 20.30 -9.78 12.66
C CYS B 37 20.58 -11.28 12.58
N LEU B 38 21.14 -11.72 11.47
CA LEU B 38 21.55 -13.12 11.27
C LEU B 38 22.62 -13.51 12.29
N ASP B 39 23.63 -12.65 12.44
CA ASP B 39 24.72 -12.86 13.37
C ASP B 39 24.26 -12.91 14.83
N HIS B 40 23.31 -12.05 15.17
CA HIS B 40 22.83 -11.92 16.55
C HIS B 40 21.58 -12.76 16.84
N ASP B 41 21.21 -13.64 15.90
CA ASP B 41 20.01 -14.47 16.00
C ASP B 41 18.74 -13.70 16.34
N VAL B 42 18.59 -12.52 15.73
CA VAL B 42 17.36 -11.74 15.85
C VAL B 42 16.50 -12.05 14.63
N PRO B 43 15.37 -12.76 14.84
CA PRO B 43 14.50 -13.17 13.74
C PRO B 43 13.79 -12.01 13.06
N ILE B 44 13.87 -11.96 11.73
CA ILE B 44 13.09 -11.01 10.95
C ILE B 44 11.97 -11.78 10.26
N ILE B 45 10.74 -11.50 10.68
CA ILE B 45 9.56 -12.11 10.08
C ILE B 45 9.30 -11.43 8.73
N ASP B 46 9.74 -12.07 7.66
CA ASP B 46 9.56 -11.53 6.32
C ASP B 46 8.20 -11.90 5.72
N THR B 47 7.50 -10.89 5.23
CA THR B 47 6.13 -11.04 4.74
C THR B 47 6.08 -11.08 3.21
N ARG B 48 4.87 -11.02 2.66
CA ARG B 48 4.69 -10.98 1.21
C ARG B 48 4.29 -9.59 0.72
N HIS B 49 4.20 -8.65 1.67
CA HIS B 49 3.86 -7.26 1.39
C HIS B 49 4.39 -6.41 2.55
N GLU B 50 4.96 -5.24 2.24
CA GLU B 50 5.43 -4.30 3.27
C GLU B 50 4.31 -3.80 4.18
N ALA B 51 3.11 -3.69 3.62
CA ALA B 51 1.94 -3.28 4.38
C ALA B 51 1.65 -4.28 5.50
N ALA B 52 1.71 -5.57 5.15
CA ALA B 52 1.51 -6.65 6.11
C ALA B 52 2.60 -6.67 7.18
N ALA B 53 3.83 -6.38 6.77
CA ALA B 53 4.97 -6.29 7.70
C ALA B 53 4.80 -5.13 8.67
N GLY B 54 4.33 -3.99 8.14
CA GLY B 54 4.07 -2.81 8.95
C GLY B 54 2.94 -3.05 9.93
N HIS B 55 1.86 -3.66 9.43
CA HIS B 55 0.72 -4.03 10.27
C HIS B 55 1.09 -5.07 11.32
N ALA B 56 1.99 -5.98 10.95
CA ALA B 56 2.47 -7.01 11.87
C ALA B 56 3.23 -6.41 13.05
N ALA B 57 4.07 -5.43 12.76
CA ALA B 57 4.78 -4.67 13.80
C ALA B 57 3.81 -3.96 14.74
N GLU B 58 2.73 -3.41 14.18
CA GLU B 58 1.64 -2.81 14.96
C GLU B 58 0.99 -3.84 15.89
N GLY B 59 0.66 -5.00 15.32
CA GLY B 59 -0.01 -6.09 16.04
C GLY B 59 0.84 -6.65 17.16
N TYR B 60 2.14 -6.75 16.89
CA TYR B 60 3.14 -7.16 17.88
C TYR B 60 3.22 -6.14 19.03
N ALA B 61 3.17 -4.86 18.67
CA ALA B 61 3.22 -3.77 19.64
C ALA B 61 1.97 -3.73 20.52
N ARG B 62 0.81 -3.93 19.91
CA ARG B 62 -0.47 -3.84 20.60
C ARG B 62 -0.76 -5.07 21.46
N ALA B 63 -0.43 -6.26 20.95
CA ALA B 63 -0.67 -7.51 21.68
C ALA B 63 0.33 -7.73 22.81
N GLY B 64 1.58 -7.33 22.58
CA GLY B 64 2.64 -7.51 23.56
C GLY B 64 2.92 -6.29 24.43
N ALA B 65 2.15 -5.21 24.21
CA ALA B 65 2.32 -3.94 24.92
C ALA B 65 3.78 -3.47 24.95
N LYS B 66 4.41 -3.50 23.78
CA LYS B 66 5.83 -3.16 23.65
C LYS B 66 6.11 -2.45 22.34
N LEU B 67 7.39 -2.26 22.02
CA LEU B 67 7.79 -1.63 20.76
C LEU B 67 7.76 -2.63 19.60
N GLY B 68 7.03 -2.27 18.55
CA GLY B 68 7.07 -3.00 17.29
C GLY B 68 8.10 -2.35 16.37
N VAL B 69 8.82 -3.17 15.63
CA VAL B 69 9.82 -2.65 14.68
C VAL B 69 9.57 -3.19 13.28
N ALA B 70 9.22 -2.27 12.37
CA ALA B 70 9.07 -2.59 10.96
C ALA B 70 10.34 -2.22 10.20
N LEU B 71 10.68 -3.03 9.20
CA LEU B 71 11.93 -2.86 8.47
C LEU B 71 11.73 -3.03 6.96
N VAL B 72 11.69 -1.90 6.26
CA VAL B 72 11.41 -1.89 4.82
C VAL B 72 12.56 -1.25 4.01
N THR B 73 12.53 -1.45 2.69
CA THR B 73 13.60 -0.96 1.81
C THR B 73 13.26 0.37 1.14
N ALA B 74 14.19 0.88 0.34
CA ALA B 74 14.04 2.13 -0.40
C ALA B 74 12.88 2.10 -1.39
N GLY B 75 12.33 3.29 -1.66
CA GLY B 75 11.32 3.47 -2.70
C GLY B 75 9.98 2.86 -2.41
N GLY B 76 9.68 1.76 -3.11
CA GLY B 76 8.43 1.04 -2.98
C GLY B 76 8.26 0.35 -1.64
N GLY B 77 9.39 -0.02 -1.03
CA GLY B 77 9.38 -0.57 0.32
C GLY B 77 8.75 0.39 1.31
N PHE B 78 9.17 1.66 1.24
CA PHE B 78 8.62 2.71 2.08
C PHE B 78 7.15 3.02 1.77
N THR B 79 6.84 3.23 0.48
CA THR B 79 5.49 3.64 0.07
C THR B 79 4.45 2.57 0.37
N ASN B 80 4.85 1.31 0.35
CA ASN B 80 3.98 0.20 0.72
C ASN B 80 3.75 0.09 2.23
N ALA B 81 4.60 0.78 3.01
CA ALA B 81 4.46 0.83 4.46
C ALA B 81 3.60 2.00 4.96
N VAL B 82 3.14 2.84 4.04
CA VAL B 82 2.44 4.09 4.38
C VAL B 82 1.12 3.87 5.16
N THR B 83 0.32 2.90 4.73
CA THR B 83 -0.94 2.58 5.42
C THR B 83 -0.72 2.13 6.88
N PRO B 84 0.20 1.16 7.12
CA PRO B 84 0.62 0.85 8.49
C PRO B 84 1.04 2.07 9.32
N ILE B 85 1.77 3.02 8.71
CA ILE B 85 2.23 4.22 9.42
C ILE B 85 1.04 5.09 9.82
N ALA B 86 0.18 5.39 8.85
CA ALA B 86 -1.05 6.14 9.08
C ALA B 86 -1.93 5.47 10.14
N ASN B 87 -2.03 4.14 10.07
CA ASN B 87 -2.82 3.36 11.04
C ASN B 87 -2.24 3.45 12.45
N ALA B 88 -0.93 3.30 12.58
CA ALA B 88 -0.22 3.43 13.86
C ALA B 88 -0.31 4.85 14.41
N TRP B 89 -0.35 5.83 13.49
CA TRP B 89 -0.48 7.24 13.85
C TRP B 89 -1.79 7.54 14.57
N LEU B 90 -2.90 7.13 13.96
CA LEU B 90 -4.23 7.39 14.52
C LEU B 90 -4.56 6.51 15.71
N ASP B 91 -3.98 5.31 15.75
CA ASP B 91 -4.22 4.34 16.84
C ASP B 91 -3.29 4.52 18.03
N ARG B 92 -2.29 5.38 17.87
CA ARG B 92 -1.30 5.64 18.93
C ARG B 92 -0.53 4.37 19.32
N THR B 93 0.09 3.73 18.34
CA THR B 93 0.86 2.50 18.60
C THR B 93 2.35 2.73 18.37
N PRO B 94 3.18 2.30 19.34
CA PRO B 94 4.62 2.53 19.28
C PRO B 94 5.32 1.59 18.30
N VAL B 95 5.53 2.06 17.08
CA VAL B 95 6.21 1.30 16.05
C VAL B 95 7.39 2.10 15.49
N LEU B 96 8.57 1.49 15.50
CA LEU B 96 9.73 2.06 14.83
C LEU B 96 9.73 1.58 13.38
N PHE B 97 9.52 2.50 12.45
CA PHE B 97 9.65 2.19 11.03
C PHE B 97 11.07 2.52 10.56
N LEU B 98 11.82 1.46 10.27
CA LEU B 98 13.17 1.58 9.72
C LEU B 98 13.08 1.39 8.20
N THR B 99 13.49 2.41 7.45
CA THR B 99 13.43 2.35 6.00
C THR B 99 14.76 2.67 5.33
N GLY B 100 15.05 1.95 4.25
CA GLY B 100 16.17 2.28 3.39
C GLY B 100 15.80 3.45 2.50
N SER B 101 16.82 4.04 1.87
CA SER B 101 16.62 5.07 0.85
C SER B 101 17.84 5.10 -0.05
N GLY B 102 17.75 5.83 -1.16
CA GLY B 102 18.88 6.02 -2.06
C GLY B 102 20.09 6.56 -1.32
N ALA B 103 21.28 6.15 -1.75
CA ALA B 103 22.53 6.61 -1.17
C ALA B 103 22.62 8.14 -1.18
N LEU B 104 23.29 8.71 -0.18
CA LEU B 104 23.50 10.16 -0.13
C LEU B 104 24.41 10.62 -1.27
N ARG B 105 25.44 9.83 -1.58
CA ARG B 105 26.15 9.94 -2.84
C ARG B 105 25.17 9.53 -3.95
N ASP B 106 25.41 10.00 -5.17
CA ASP B 106 24.43 9.86 -6.27
C ASP B 106 23.01 10.37 -5.93
N ASP B 107 22.95 11.40 -5.07
CA ASP B 107 21.72 12.15 -4.82
C ASP B 107 21.36 12.93 -6.08
N GLU B 108 20.07 12.93 -6.42
CA GLU B 108 19.55 13.63 -7.60
C GLU B 108 20.15 13.12 -8.91
N THR B 109 20.27 11.79 -9.02
CA THR B 109 20.83 11.15 -10.23
C THR B 109 19.82 10.25 -10.95
N ASN B 110 18.53 10.40 -10.60
CA ASN B 110 17.45 9.60 -11.18
C ASN B 110 17.70 8.08 -11.11
N THR B 111 18.30 7.63 -10.01
CA THR B 111 18.67 6.23 -9.86
C THR B 111 17.55 5.38 -9.25
N LEU B 112 17.80 4.07 -9.16
CA LEU B 112 16.84 3.09 -8.65
C LEU B 112 16.42 3.35 -7.20
N GLN B 113 15.10 3.39 -6.98
CA GLN B 113 14.48 3.48 -5.65
C GLN B 113 14.78 4.78 -4.87
N ALA B 114 15.44 5.72 -5.53
CA ALA B 114 15.68 7.04 -4.98
C ALA B 114 14.74 8.05 -5.64
N GLY B 115 14.93 9.33 -5.35
CA GLY B 115 14.18 10.39 -6.02
C GLY B 115 12.83 10.74 -5.40
N ILE B 116 12.46 10.05 -4.33
CA ILE B 116 11.26 10.41 -3.55
C ILE B 116 11.63 10.84 -2.13
N ASP B 117 11.05 11.97 -1.70
CA ASP B 117 11.28 12.48 -0.35
C ASP B 117 10.42 11.71 0.63
N GLN B 118 11.01 10.69 1.25
CA GLN B 118 10.27 9.75 2.10
C GLN B 118 9.91 10.34 3.47
N VAL B 119 10.80 11.18 4.00
CA VAL B 119 10.57 11.89 5.26
C VAL B 119 9.37 12.83 5.13
N ALA B 120 9.33 13.61 4.05
CA ALA B 120 8.25 14.54 3.79
C ALA B 120 6.89 13.83 3.65
N MET B 121 6.91 12.65 3.04
CA MET B 121 5.70 11.83 2.92
C MET B 121 5.21 11.29 4.28
N ALA B 122 6.14 10.98 5.17
CA ALA B 122 5.80 10.41 6.48
C ALA B 122 5.59 11.46 7.58
N ALA B 123 6.07 12.68 7.35
CA ALA B 123 6.00 13.77 8.32
C ALA B 123 4.58 14.09 8.85
N PRO B 124 3.55 14.12 7.97
CA PRO B 124 2.20 14.38 8.46
C PRO B 124 1.58 13.24 9.28
N ILE B 125 2.19 12.06 9.27
CA ILE B 125 1.62 10.90 9.95
C ILE B 125 2.58 10.18 10.92
N THR B 126 3.60 10.89 11.39
CA THR B 126 4.55 10.35 12.36
C THR B 126 4.85 11.35 13.47
N LYS B 127 5.19 10.83 14.65
CA LYS B 127 5.64 11.65 15.77
C LYS B 127 6.96 12.32 15.43
N TRP B 128 7.79 11.61 14.66
CA TRP B 128 9.08 12.10 14.21
C TRP B 128 9.47 11.36 12.93
N ALA B 129 9.98 12.10 11.96
CA ALA B 129 10.47 11.52 10.70
C ALA B 129 11.78 12.20 10.34
N HIS B 130 12.80 11.40 10.07
CA HIS B 130 14.15 11.93 9.91
C HIS B 130 15.06 11.06 9.05
N ARG B 131 15.94 11.70 8.29
CA ARG B 131 16.95 11.02 7.50
C ARG B 131 18.34 11.15 8.14
N VAL B 132 19.00 10.00 8.32
CA VAL B 132 20.35 9.96 8.89
C VAL B 132 21.38 10.47 7.88
N MET B 133 22.25 11.37 8.33
CA MET B 133 23.24 12.02 7.48
C MET B 133 24.64 11.45 7.63
N ALA B 134 24.89 10.78 8.75
CA ALA B 134 26.21 10.19 9.04
C ALA B 134 26.07 8.86 9.77
N THR B 135 26.87 7.89 9.33
CA THR B 135 26.89 6.55 9.93
C THR B 135 27.16 6.60 11.45
N GLU B 136 27.96 7.57 11.86
CA GLU B 136 28.31 7.78 13.26
C GLU B 136 27.10 8.17 14.11
N HIS B 137 26.10 8.79 13.48
CA HIS B 137 24.91 9.29 14.18
C HIS B 137 23.88 8.19 14.46
N ILE B 138 24.04 7.03 13.81
CA ILE B 138 23.03 5.96 13.84
C ILE B 138 22.55 5.58 15.26
N PRO B 139 23.46 5.13 16.16
CA PRO B 139 23.04 4.69 17.49
C PRO B 139 22.20 5.70 18.29
N ARG B 140 22.64 6.95 18.34
CA ARG B 140 21.92 7.98 19.10
C ARG B 140 20.59 8.35 18.44
N LEU B 141 20.53 8.26 17.12
CA LEU B 141 19.32 8.57 16.36
C LEU B 141 18.28 7.45 16.43
N VAL B 142 18.73 6.20 16.36
CA VAL B 142 17.87 5.03 16.55
C VAL B 142 17.24 5.07 17.95
N MET B 143 18.07 5.37 18.95
CA MET B 143 17.62 5.43 20.34
C MET B 143 16.63 6.57 20.57
N GLN B 144 16.92 7.72 19.98
CA GLN B 144 16.04 8.88 20.01
C GLN B 144 14.68 8.57 19.38
N ALA B 145 14.70 7.86 18.25
CA ALA B 145 13.49 7.43 17.56
C ALA B 145 12.64 6.52 18.44
N ILE B 146 13.30 5.61 19.16
CA ILE B 146 12.65 4.67 20.07
C ILE B 146 12.02 5.39 21.28
N ARG B 147 12.77 6.34 21.85
CA ARG B 147 12.27 7.15 22.96
C ARG B 147 11.01 7.92 22.56
N ALA B 148 10.99 8.42 21.32
CA ALA B 148 9.86 9.14 20.77
C ALA B 148 8.63 8.25 20.57
N ALA B 149 8.88 7.03 20.10
CA ALA B 149 7.81 6.06 19.84
C ALA B 149 7.13 5.59 21.13
N LEU B 150 7.95 5.34 22.15
CA LEU B 150 7.47 4.75 23.42
C LEU B 150 6.81 5.74 24.37
N SER B 151 7.10 7.03 24.21
CA SER B 151 6.58 8.04 25.14
C SER B 151 5.17 8.49 24.77
N ALA B 152 4.42 8.92 25.79
CA ALA B 152 3.02 9.29 25.65
C ALA B 152 2.82 10.62 24.89
N PRO B 153 1.88 10.64 23.93
CA PRO B 153 1.12 9.49 23.44
C PRO B 153 1.94 8.64 22.48
N ARG B 154 1.86 7.33 22.63
CA ARG B 154 2.61 6.40 21.76
C ARG B 154 2.27 6.63 20.30
N GLY B 155 3.21 6.35 19.42
CA GLY B 155 3.00 6.56 17.99
C GLY B 155 4.19 6.15 17.15
N PRO B 156 4.02 6.17 15.81
CA PRO B 156 5.06 5.70 14.89
C PRO B 156 6.15 6.72 14.64
N VAL B 157 7.36 6.23 14.37
CA VAL B 157 8.49 7.06 14.01
C VAL B 157 9.15 6.48 12.77
N LEU B 158 9.44 7.33 11.79
CA LEU B 158 10.15 6.90 10.59
C LEU B 158 11.62 7.29 10.69
N LEU B 159 12.49 6.30 10.54
CA LEU B 159 13.92 6.53 10.52
C LEU B 159 14.45 6.15 9.14
N ASP B 160 14.81 7.17 8.37
CA ASP B 160 15.30 6.98 7.01
C ASP B 160 16.81 6.75 7.03
N LEU B 161 17.23 5.59 6.55
CA LEU B 161 18.63 5.17 6.59
C LEU B 161 19.16 4.93 5.17
N PRO B 162 19.89 5.92 4.62
CA PRO B 162 20.46 5.82 3.27
C PRO B 162 21.36 4.60 3.09
N TRP B 163 21.34 4.03 1.88
CA TRP B 163 22.15 2.86 1.54
C TRP B 163 23.63 3.12 1.76
N ASP B 164 24.06 4.30 1.33
CA ASP B 164 25.40 4.84 1.58
C ASP B 164 25.78 4.74 3.06
N ILE B 165 24.90 5.29 3.91
CA ILE B 165 25.09 5.34 5.36
C ILE B 165 25.14 3.95 6.00
N LEU B 166 24.29 3.04 5.50
CA LEU B 166 24.20 1.68 6.05
C LEU B 166 25.37 0.79 5.65
N MET B 167 25.87 0.96 4.42
CA MET B 167 26.97 0.15 3.90
C MET B 167 28.33 0.57 4.46
N ASN B 168 28.45 1.85 4.82
CA ASN B 168 29.71 2.40 5.37
C ASN B 168 30.18 1.66 6.62
N GLN B 169 31.49 1.52 6.74
CA GLN B 169 32.09 0.82 7.87
C GLN B 169 32.95 1.76 8.72
N ILE B 170 32.72 1.70 10.03
CA ILE B 170 33.48 2.50 10.99
C ILE B 170 34.09 1.62 12.07
N ASP B 171 35.08 2.16 12.79
CA ASP B 171 35.65 1.47 13.94
C ASP B 171 34.60 1.41 15.05
N GLU B 172 34.37 0.20 15.57
CA GLU B 172 33.32 -0.02 16.57
C GLU B 172 33.58 0.68 17.91
N ASP B 173 34.84 0.99 18.17
CA ASP B 173 35.25 1.66 19.41
C ASP B 173 35.21 3.18 19.31
N SER B 174 34.88 3.70 18.13
CA SER B 174 34.83 5.15 17.89
C SER B 174 33.48 5.76 18.25
N VAL B 175 32.41 4.98 18.09
CA VAL B 175 31.06 5.42 18.45
C VAL B 175 30.43 4.47 19.47
N ILE B 176 29.90 5.03 20.55
CA ILE B 176 29.30 4.23 21.63
C ILE B 176 27.81 3.99 21.41
N ILE B 177 27.36 2.79 21.79
CA ILE B 177 25.95 2.43 21.72
C ILE B 177 25.28 2.82 23.04
N PRO B 178 24.32 3.77 22.98
CA PRO B 178 23.67 4.23 24.20
C PRO B 178 22.67 3.22 24.76
N ASP B 179 22.45 3.29 26.07
CA ASP B 179 21.41 2.51 26.73
C ASP B 179 20.06 3.20 26.55
N LEU B 180 18.97 2.44 26.65
CA LEU B 180 17.64 3.01 26.68
C LEU B 180 17.38 3.56 28.09
N VAL B 181 17.71 4.84 28.28
CA VAL B 181 17.53 5.50 29.57
C VAL B 181 16.26 6.35 29.50
N LEU B 182 15.13 5.67 29.66
CA LEU B 182 13.82 6.30 29.65
C LEU B 182 12.97 5.56 30.68
N SER B 183 12.43 6.31 31.63
CA SER B 183 11.63 5.73 32.72
C SER B 183 10.39 5.01 32.20
N ALA B 184 10.17 3.80 32.71
CA ALA B 184 9.00 3.00 32.37
C ALA B 184 7.75 3.54 33.05
N HIS B 185 7.94 4.25 34.16
CA HIS B 185 6.85 4.91 34.87
C HIS B 185 6.52 6.22 34.18
N GLY B 186 5.27 6.36 33.75
CA GLY B 186 4.82 7.61 33.15
C GLY B 186 4.56 8.67 34.21
N ALA B 187 4.50 9.93 33.77
CA ALA B 187 4.22 11.05 34.68
C ALA B 187 2.78 10.98 35.19
N ARG B 188 2.61 11.40 36.45
CA ARG B 188 1.29 11.36 37.10
C ARG B 188 0.75 12.75 37.42
N PRO B 189 -0.58 12.87 37.63
CA PRO B 189 -1.20 14.16 37.94
C PRO B 189 -0.70 14.78 39.24
N ASP B 190 -0.89 16.09 39.36
CA ASP B 190 -0.63 16.81 40.60
C ASP B 190 -1.62 16.32 41.66
N PRO B 191 -1.13 16.09 42.90
CA PRO B 191 -1.97 15.64 44.02
C PRO B 191 -3.29 16.42 44.14
N ALA B 192 -3.25 17.72 43.86
CA ALA B 192 -4.44 18.57 43.92
C ALA B 192 -5.47 18.22 42.83
N ASP B 193 -4.99 17.99 41.62
CA ASP B 193 -5.85 17.54 40.51
C ASP B 193 -6.42 16.15 40.78
N LEU B 194 -5.59 15.27 41.33
CA LEU B 194 -5.98 13.91 41.69
C LEU B 194 -7.05 13.91 42.78
N ASP B 195 -6.86 14.77 43.79
CA ASP B 195 -7.82 14.93 44.87
C ASP B 195 -9.17 15.49 44.43
N GLN B 196 -9.15 16.41 43.46
CA GLN B 196 -10.39 16.96 42.90
C GLN B 196 -11.14 15.92 42.08
N ALA B 197 -10.39 15.09 41.33
CA ALA B 197 -10.98 14.00 40.54
C ALA B 197 -11.66 12.97 41.44
N LEU B 198 -10.97 12.57 42.51
CA LEU B 198 -11.51 11.62 43.49
C LEU B 198 -12.69 12.19 44.24
N ALA B 199 -12.62 13.48 44.60
CA ALA B 199 -13.71 14.17 45.27
C ALA B 199 -14.98 14.21 44.42
N LEU B 200 -14.81 14.41 43.11
CA LEU B 200 -15.92 14.36 42.17
C LEU B 200 -16.46 12.94 42.03
N LEU B 201 -15.55 11.96 42.07
CA LEU B 201 -15.89 10.55 41.90
C LEU B 201 -16.70 10.00 43.08
N ARG B 202 -16.37 10.48 44.30
CA ARG B 202 -17.08 10.08 45.51
C ARG B 202 -18.48 10.69 45.58
N LYS B 203 -18.60 11.94 45.13
CA LYS B 203 -19.86 12.68 45.14
C LYS B 203 -20.84 12.20 44.06
N ALA B 204 -20.29 11.62 42.98
CA ALA B 204 -21.10 11.17 41.84
C ALA B 204 -22.04 10.02 42.18
N GLU B 205 -23.26 10.07 41.65
CA GLU B 205 -24.26 9.04 41.90
C GLU B 205 -24.17 7.88 40.91
N ARG B 206 -23.81 8.18 39.67
CA ARG B 206 -23.65 7.16 38.62
C ARG B 206 -22.31 7.35 37.87
N PRO B 207 -21.18 7.10 38.57
CA PRO B 207 -19.89 7.34 37.93
C PRO B 207 -19.45 6.19 37.03
N VAL B 208 -18.67 6.52 36.01
CA VAL B 208 -18.20 5.57 35.01
C VAL B 208 -16.76 5.88 34.63
N ILE B 209 -15.97 4.83 34.42
CA ILE B 209 -14.62 4.97 33.89
C ILE B 209 -14.63 4.49 32.44
N VAL B 210 -13.94 5.22 31.57
CA VAL B 210 -13.78 4.83 30.17
C VAL B 210 -12.30 4.81 29.80
N LEU B 211 -11.80 3.64 29.40
CA LEU B 211 -10.39 3.46 29.07
C LEU B 211 -10.13 3.55 27.57
N GLY B 212 -8.98 4.10 27.21
CA GLY B 212 -8.56 4.19 25.80
C GLY B 212 -7.31 3.39 25.53
N SER B 213 -6.68 3.67 24.39
CA SER B 213 -5.50 2.92 23.93
C SER B 213 -4.28 3.06 24.86
N GLU B 214 -4.07 4.27 25.39
CA GLU B 214 -2.91 4.54 26.24
C GLU B 214 -2.92 3.72 27.54
N ALA B 215 -4.10 3.28 27.96
CA ALA B 215 -4.24 2.38 29.11
C ALA B 215 -3.69 0.99 28.79
N SER B 216 -3.86 0.56 27.54
CA SER B 216 -3.37 -0.73 27.09
C SER B 216 -1.86 -0.75 26.87
N ARG B 217 -1.31 0.37 26.39
CA ARG B 217 0.12 0.49 26.11
C ARG B 217 0.97 0.35 27.37
N THR B 218 0.48 0.91 28.47
CA THR B 218 1.18 0.89 29.76
C THR B 218 0.84 -0.37 30.57
N ALA B 219 -0.36 -0.89 30.37
CA ALA B 219 -0.82 -2.16 30.96
C ALA B 219 -0.65 -2.27 32.48
N ARG B 220 -1.04 -1.21 33.20
CA ARG B 220 -0.99 -1.22 34.67
C ARG B 220 -2.24 -1.92 35.21
N LYS B 221 -2.28 -3.24 35.02
CA LYS B 221 -3.47 -4.04 35.29
C LYS B 221 -3.77 -4.22 36.78
N THR B 222 -2.74 -4.47 37.58
CA THR B 222 -2.88 -4.64 39.03
C THR B 222 -3.30 -3.32 39.68
N ALA B 223 -2.71 -2.21 39.23
CA ALA B 223 -3.06 -0.87 39.72
C ALA B 223 -4.52 -0.55 39.40
N LEU B 224 -4.92 -0.81 38.17
CA LEU B 224 -6.30 -0.61 37.73
C LEU B 224 -7.27 -1.44 38.57
N SER B 225 -6.92 -2.70 38.81
CA SER B 225 -7.73 -3.61 39.61
C SER B 225 -7.87 -3.14 41.07
N ALA B 226 -6.79 -2.59 41.61
CA ALA B 226 -6.78 -2.04 42.96
C ALA B 226 -7.66 -0.80 43.08
N PHE B 227 -7.56 0.08 42.07
CA PHE B 227 -8.34 1.31 42.02
C PHE B 227 -9.84 1.04 41.84
N VAL B 228 -10.17 0.10 40.96
CA VAL B 228 -11.56 -0.26 40.66
C VAL B 228 -12.25 -0.95 41.86
N ALA B 229 -11.57 -1.91 42.48
CA ALA B 229 -12.12 -2.64 43.62
C ALA B 229 -12.34 -1.73 44.84
N ALA B 230 -11.47 -0.73 45.00
CA ALA B 230 -11.55 0.18 46.13
C ALA B 230 -12.67 1.21 45.99
N THR B 231 -12.96 1.63 44.75
CA THR B 231 -13.98 2.64 44.48
C THR B 231 -15.34 2.03 44.13
N GLY B 232 -15.30 0.84 43.53
CA GLY B 232 -16.52 0.15 43.10
C GLY B 232 -17.19 0.79 41.89
N VAL B 233 -16.43 1.55 41.12
CA VAL B 233 -16.94 2.25 39.94
C VAL B 233 -16.81 1.34 38.70
N PRO B 234 -17.92 1.17 37.95
CA PRO B 234 -17.91 0.37 36.71
C PRO B 234 -17.02 0.95 35.64
N VAL B 235 -16.43 0.07 34.81
CA VAL B 235 -15.43 0.48 33.84
C VAL B 235 -15.82 0.05 32.42
N PHE B 236 -15.74 1.01 31.51
CA PHE B 236 -15.96 0.78 30.08
C PHE B 236 -14.65 0.99 29.33
N ALA B 237 -14.64 0.64 28.05
CA ALA B 237 -13.46 0.84 27.20
C ALA B 237 -13.83 0.89 25.73
N ASP B 238 -13.02 1.60 24.94
CA ASP B 238 -13.12 1.50 23.49
C ASP B 238 -12.50 0.17 23.03
N TYR B 239 -12.50 -0.09 21.73
CA TYR B 239 -11.96 -1.35 21.21
C TYR B 239 -10.57 -1.66 21.77
N GLU B 240 -9.68 -0.66 21.74
CA GLU B 240 -8.28 -0.86 22.12
C GLU B 240 -8.06 -1.01 23.62
N GLY B 241 -9.01 -0.51 24.41
CA GLY B 241 -8.91 -0.58 25.86
C GLY B 241 -9.60 -1.79 26.46
N LEU B 242 -10.27 -2.59 25.62
CA LEU B 242 -11.11 -3.69 26.08
C LEU B 242 -10.37 -4.76 26.90
N SER B 243 -9.22 -5.22 26.41
CA SER B 243 -8.45 -6.26 27.10
C SER B 243 -7.99 -5.85 28.51
N MET B 244 -8.00 -4.55 28.77
CA MET B 244 -7.69 -4.02 30.11
C MET B 244 -8.84 -4.22 31.11
N LEU B 245 -10.00 -4.67 30.61
CA LEU B 245 -11.14 -5.00 31.46
C LEU B 245 -11.14 -6.48 31.87
N SER B 246 -10.25 -7.26 31.25
CA SER B 246 -10.22 -8.71 31.41
C SER B 246 -9.80 -9.20 32.78
N GLY B 247 -8.99 -8.40 33.49
CA GLY B 247 -8.56 -8.73 34.84
C GLY B 247 -9.45 -8.15 35.92
N LEU B 248 -10.41 -7.33 35.51
CA LEU B 248 -11.30 -6.65 36.44
C LEU B 248 -12.47 -7.54 36.89
N PRO B 249 -12.87 -7.43 38.17
CA PRO B 249 -14.07 -8.09 38.69
C PRO B 249 -15.29 -7.88 37.77
N ASP B 250 -16.14 -8.89 37.71
CA ASP B 250 -17.24 -8.96 36.74
C ASP B 250 -18.27 -7.84 36.90
N ALA B 251 -18.63 -7.55 38.15
CA ALA B 251 -19.65 -6.56 38.48
C ALA B 251 -19.24 -5.14 38.09
N MET B 252 -17.94 -4.93 37.91
CA MET B 252 -17.40 -3.61 37.58
C MET B 252 -17.12 -3.47 36.08
N ARG B 253 -17.55 -4.45 35.29
CA ARG B 253 -17.31 -4.45 33.85
C ARG B 253 -18.52 -3.97 33.06
N GLY B 254 -18.35 -2.84 32.38
CA GLY B 254 -19.40 -2.30 31.50
C GLY B 254 -19.25 -2.82 30.08
N GLY B 255 -18.03 -3.24 29.74
CA GLY B 255 -17.72 -3.72 28.40
C GLY B 255 -17.31 -2.57 27.50
N LEU B 256 -17.66 -2.69 26.23
CA LEU B 256 -17.37 -1.64 25.24
C LEU B 256 -18.19 -0.39 25.48
N VAL B 257 -17.60 0.77 25.22
CA VAL B 257 -18.24 2.07 25.44
C VAL B 257 -19.57 2.25 24.71
N GLN B 258 -19.72 1.56 23.59
CA GLN B 258 -20.96 1.56 22.80
C GLN B 258 -22.19 1.23 23.64
N ASN B 259 -21.98 0.48 24.72
CA ASN B 259 -23.06 0.07 25.63
C ASN B 259 -23.74 1.23 26.34
N LEU B 260 -23.05 2.37 26.43
CA LEU B 260 -23.59 3.58 27.06
C LEU B 260 -24.76 4.20 26.31
N TYR B 261 -25.00 3.74 25.08
CA TYR B 261 -26.04 4.29 24.21
C TYR B 261 -27.44 4.26 24.81
N SER B 262 -27.84 3.10 25.33
CA SER B 262 -29.20 2.89 25.82
C SER B 262 -29.43 3.40 27.25
N PHE B 263 -28.39 4.02 27.83
CA PHE B 263 -28.45 4.51 29.21
C PHE B 263 -29.35 5.74 29.36
N ALA B 264 -29.40 6.57 28.32
CA ALA B 264 -30.24 7.77 28.32
C ALA B 264 -31.73 7.44 28.38
N LYS B 265 -32.16 6.47 27.57
CA LYS B 265 -33.54 6.00 27.55
C LYS B 265 -34.00 5.42 28.89
N ALA B 266 -33.08 4.76 29.60
CA ALA B 266 -33.37 4.14 30.88
C ALA B 266 -33.15 5.08 32.07
N ASP B 267 -33.01 6.39 31.78
CA ASP B 267 -32.71 7.42 32.78
C ASP B 267 -31.52 7.04 33.66
N ALA B 268 -30.55 6.38 33.05
CA ALA B 268 -29.37 5.88 33.75
C ALA B 268 -28.08 6.46 33.17
N ALA B 269 -28.22 7.53 32.38
CA ALA B 269 -27.06 8.21 31.80
C ALA B 269 -26.06 8.58 32.90
N PRO B 270 -24.79 8.16 32.72
CA PRO B 270 -23.73 8.39 33.72
C PRO B 270 -23.69 9.83 34.23
N ASP B 271 -23.52 9.96 35.55
CA ASP B 271 -23.46 11.23 36.24
C ASP B 271 -22.07 11.86 36.08
N LEU B 272 -21.07 10.99 36.01
CA LEU B 272 -19.68 11.40 35.88
C LEU B 272 -18.93 10.36 35.05
N VAL B 273 -18.02 10.84 34.21
CA VAL B 273 -17.20 9.95 33.41
C VAL B 273 -15.72 10.32 33.47
N LEU B 274 -14.92 9.37 33.97
CA LEU B 274 -13.47 9.52 34.02
C LEU B 274 -12.86 8.86 32.80
N MET B 275 -12.38 9.68 31.88
CA MET B 275 -11.79 9.21 30.63
C MET B 275 -10.28 9.09 30.77
N LEU B 276 -9.77 7.87 30.63
CA LEU B 276 -8.34 7.60 30.73
C LEU B 276 -7.79 7.10 29.40
N GLY B 277 -7.23 8.03 28.62
CA GLY B 277 -6.69 7.71 27.31
C GLY B 277 -7.73 7.67 26.20
N ALA B 278 -9.00 7.67 26.60
CA ALA B 278 -10.10 7.69 25.63
C ALA B 278 -10.31 9.12 25.14
N ARG B 279 -10.24 9.27 23.81
CA ARG B 279 -10.42 10.58 23.18
C ARG B 279 -11.85 10.76 22.71
N PHE B 280 -12.28 12.03 22.62
CA PHE B 280 -13.54 12.35 21.97
C PHE B 280 -13.39 12.12 20.48
N GLY B 281 -14.14 11.15 19.96
CA GLY B 281 -14.06 10.79 18.55
C GLY B 281 -14.98 9.64 18.18
N LEU B 282 -14.62 8.94 17.11
CA LEU B 282 -15.44 7.86 16.54
C LEU B 282 -15.94 6.87 17.59
N ASN B 283 -15.02 6.35 18.39
CA ASN B 283 -15.32 5.28 19.36
C ASN B 283 -16.15 5.73 20.56
N THR B 284 -16.08 7.02 20.89
CA THR B 284 -16.82 7.56 22.03
C THR B 284 -18.03 8.42 21.61
N GLY B 285 -18.37 8.36 20.33
CA GLY B 285 -19.53 9.07 19.79
C GLY B 285 -19.29 10.55 19.58
N HIS B 286 -18.05 10.91 19.24
CA HIS B 286 -17.65 12.30 18.95
C HIS B 286 -18.11 13.27 20.05
N GLY B 287 -18.83 14.32 19.66
CA GLY B 287 -19.40 15.28 20.60
C GLY B 287 -20.92 15.25 20.61
N SER B 288 -21.49 14.11 20.24
CA SER B 288 -22.94 13.94 20.17
C SER B 288 -23.59 13.83 21.55
N GLY B 289 -22.83 13.33 22.53
CA GLY B 289 -23.32 13.14 23.89
C GLY B 289 -24.12 11.87 24.08
N GLN B 290 -24.05 10.97 23.09
CA GLN B 290 -24.82 9.74 23.10
C GLN B 290 -24.21 8.67 23.99
N LEU B 291 -22.87 8.69 24.11
CA LEU B 291 -22.16 7.78 25.01
C LEU B 291 -21.63 8.54 26.23
N ILE B 292 -20.87 9.60 25.97
CA ILE B 292 -20.40 10.50 27.01
C ILE B 292 -21.39 11.66 27.11
N PRO B 293 -22.29 11.63 28.12
CA PRO B 293 -23.43 12.55 28.15
C PRO B 293 -23.02 14.01 28.34
N HIS B 294 -23.77 14.92 27.74
CA HIS B 294 -23.52 16.35 27.87
C HIS B 294 -23.73 16.85 29.30
N SER B 295 -24.63 16.19 30.02
CA SER B 295 -24.94 16.55 31.41
C SER B 295 -23.94 16.02 32.43
N ALA B 296 -23.10 15.07 32.00
CA ALA B 296 -22.12 14.46 32.88
C ALA B 296 -20.92 15.38 33.13
N GLN B 297 -20.37 15.30 34.34
CA GLN B 297 -19.11 15.94 34.64
C GLN B 297 -17.98 15.05 34.16
N VAL B 298 -17.11 15.60 33.31
CA VAL B 298 -16.07 14.81 32.67
C VAL B 298 -14.68 15.14 33.18
N ILE B 299 -14.02 14.14 33.74
CA ILE B 299 -12.59 14.22 34.05
C ILE B 299 -11.86 13.50 32.93
N GLN B 300 -11.03 14.23 32.20
CA GLN B 300 -10.29 13.65 31.09
C GLN B 300 -8.79 13.69 31.34
N VAL B 301 -8.14 12.53 31.20
CA VAL B 301 -6.70 12.41 31.37
C VAL B 301 -6.07 11.94 30.06
N ASP B 302 -5.23 12.79 29.49
CA ASP B 302 -4.58 12.50 28.22
C ASP B 302 -3.20 13.15 28.16
N PRO B 303 -2.21 12.46 27.57
CA PRO B 303 -0.88 13.05 27.40
C PRO B 303 -0.84 14.20 26.38
N ASP B 304 -1.86 14.27 25.52
CA ASP B 304 -1.98 15.35 24.53
C ASP B 304 -3.06 16.34 24.96
N ALA B 305 -2.66 17.61 25.10
CA ALA B 305 -3.56 18.68 25.55
C ALA B 305 -4.65 19.01 24.53
N CYS B 306 -4.37 18.79 23.25
CA CYS B 306 -5.35 19.01 22.17
C CYS B 306 -6.65 18.23 22.41
N GLU B 307 -6.50 17.03 22.99
CA GLU B 307 -7.61 16.09 23.17
C GLU B 307 -8.54 16.47 24.33
N LEU B 308 -8.03 17.26 25.25
CA LEU B 308 -8.76 17.66 26.46
C LEU B 308 -9.97 18.52 26.13
N GLY B 309 -11.15 17.89 26.15
CA GLY B 309 -12.39 18.58 25.81
C GLY B 309 -12.46 18.97 24.34
N ARG B 310 -11.94 18.10 23.48
CA ARG B 310 -11.84 18.39 22.05
C ARG B 310 -13.18 18.75 21.42
N LEU B 311 -14.21 17.95 21.72
CA LEU B 311 -15.51 18.09 21.09
C LEU B 311 -16.64 18.34 22.08
N GLN B 312 -16.28 18.41 23.37
CA GLN B 312 -17.25 18.47 24.46
C GLN B 312 -16.60 19.08 25.69
N GLY B 313 -17.31 19.98 26.36
CA GLY B 313 -16.82 20.63 27.58
C GLY B 313 -16.54 19.62 28.69
N ILE B 314 -15.40 19.80 29.37
CA ILE B 314 -15.02 18.92 30.48
C ILE B 314 -14.87 19.69 31.78
N ALA B 315 -14.98 18.97 32.89
CA ALA B 315 -14.87 19.58 34.22
C ALA B 315 -13.42 19.72 34.68
N LEU B 316 -12.60 18.74 34.32
CA LEU B 316 -11.20 18.69 34.75
C LEU B 316 -10.34 18.05 33.66
N GLY B 317 -9.38 18.80 33.15
CA GLY B 317 -8.48 18.34 32.09
C GLY B 317 -7.06 18.20 32.57
N ILE B 318 -6.60 16.95 32.66
CA ILE B 318 -5.26 16.66 33.17
C ILE B 318 -4.37 16.09 32.07
N VAL B 319 -3.25 16.75 31.83
CA VAL B 319 -2.22 16.22 30.92
C VAL B 319 -1.19 15.42 31.71
N ALA B 320 -1.23 14.10 31.53
CA ALA B 320 -0.33 13.15 32.18
C ALA B 320 -0.35 11.81 31.44
N ASP B 321 0.55 10.92 31.81
CA ASP B 321 0.52 9.55 31.31
C ASP B 321 -0.64 8.79 31.95
N VAL B 322 -1.35 8.01 31.15
CA VAL B 322 -2.52 7.26 31.62
C VAL B 322 -2.15 6.17 32.62
N GLY B 323 -1.06 5.44 32.33
CA GLY B 323 -0.55 4.41 33.23
C GLY B 323 -0.08 4.96 34.57
N GLY B 324 0.65 6.08 34.52
CA GLY B 324 1.09 6.79 35.72
C GLY B 324 -0.08 7.29 36.55
N THR B 325 -1.12 7.77 35.87
CA THR B 325 -2.35 8.23 36.53
C THR B 325 -3.07 7.08 37.23
N ILE B 326 -3.26 5.97 36.52
CA ILE B 326 -3.89 4.77 37.08
C ILE B 326 -3.13 4.28 38.32
N GLU B 327 -1.81 4.26 38.23
CA GLU B 327 -0.94 3.90 39.34
C GLU B 327 -1.10 4.88 40.52
N ALA B 328 -1.26 6.16 40.20
CA ALA B 328 -1.47 7.20 41.22
C ALA B 328 -2.86 7.11 41.86
N LEU B 329 -3.85 6.72 41.06
CA LEU B 329 -5.23 6.56 41.54
C LEU B 329 -5.36 5.37 42.48
N ALA B 330 -4.70 4.27 42.14
CA ALA B 330 -4.68 3.07 42.99
C ALA B 330 -3.96 3.35 44.31
N GLN B 331 -2.88 4.11 44.23
CA GLN B 331 -2.07 4.47 45.40
C GLN B 331 -2.86 5.37 46.36
N ALA B 332 -3.63 6.31 45.81
CA ALA B 332 -4.42 7.25 46.60
C ALA B 332 -5.68 6.61 47.19
N THR B 333 -6.28 5.68 46.45
CA THR B 333 -7.52 5.04 46.85
C THR B 333 -7.29 3.83 47.80
N ALA B 334 -6.02 3.43 47.92
CA ALA B 334 -5.67 2.36 48.85
C ALA B 334 -5.58 2.87 50.29
N GLN B 335 -5.28 4.17 50.44
CA GLN B 335 -5.02 4.77 51.75
C GLN B 335 -6.01 5.88 52.15
N ASP B 336 -7.17 5.91 51.51
CA ASP B 336 -8.21 6.90 51.87
C ASP B 336 -9.43 6.24 52.52
N ALA B 337 -10.45 7.05 52.82
CA ALA B 337 -11.67 6.60 53.49
C ALA B 337 -12.49 5.65 52.63
N ALA B 338 -13.35 4.87 53.27
CA ALA B 338 -14.25 3.93 52.60
C ALA B 338 -15.13 4.63 51.57
N TRP B 339 -15.10 4.14 50.34
CA TRP B 339 -15.91 4.67 49.25
C TRP B 339 -17.33 4.10 49.30
N PRO B 340 -18.33 4.88 48.83
CA PRO B 340 -19.72 4.41 48.80
C PRO B 340 -19.88 3.08 48.06
N ASP B 341 -20.87 2.30 48.48
CA ASP B 341 -21.11 0.96 47.94
C ASP B 341 -21.18 0.91 46.40
N ARG B 342 -22.17 1.61 45.83
CA ARG B 342 -22.39 1.65 44.36
C ARG B 342 -22.77 0.30 43.75
N GLY B 343 -23.25 -0.62 44.58
CA GLY B 343 -23.63 -1.97 44.14
C GLY B 343 -24.83 -1.99 43.20
N ASP B 344 -25.83 -1.17 43.50
CA ASP B 344 -27.05 -1.09 42.70
C ASP B 344 -26.79 -0.47 41.33
N TRP B 345 -25.91 0.53 41.29
CA TRP B 345 -25.52 1.18 40.03
C TRP B 345 -24.74 0.24 39.12
N CYS B 346 -23.86 -0.56 39.71
CA CYS B 346 -23.11 -1.58 38.97
C CYS B 346 -24.03 -2.65 38.38
N ALA B 347 -25.07 -3.00 39.12
CA ALA B 347 -26.09 -3.95 38.66
C ALA B 347 -26.87 -3.37 37.49
N LYS B 348 -27.19 -2.07 37.56
CA LYS B 348 -27.87 -1.37 36.48
C LYS B 348 -27.05 -1.38 35.19
N VAL B 349 -25.74 -1.18 35.32
CA VAL B 349 -24.81 -1.22 34.18
C VAL B 349 -24.79 -2.62 33.54
N THR B 350 -24.68 -3.65 34.38
CA THR B 350 -24.67 -5.05 33.92
C THR B 350 -25.97 -5.40 33.17
N ASP B 351 -27.11 -5.04 33.75
CA ASP B 351 -28.42 -5.37 33.20
C ASP B 351 -28.70 -4.72 31.86
N LEU B 352 -28.25 -3.47 31.70
CA LEU B 352 -28.45 -2.74 30.44
C LEU B 352 -27.59 -3.31 29.30
N ALA B 353 -26.39 -3.77 29.64
CA ALA B 353 -25.52 -4.46 28.69
C ALA B 353 -26.11 -5.83 28.32
N GLN B 354 -26.70 -6.49 29.32
CA GLN B 354 -27.36 -7.77 29.12
C GLN B 354 -28.61 -7.64 28.26
N GLU B 355 -29.40 -6.59 28.52
CA GLU B 355 -30.63 -6.32 27.77
C GLU B 355 -30.38 -6.04 26.29
N ARG B 356 -29.25 -5.41 25.97
CA ARG B 356 -28.85 -5.19 24.58
C ARG B 356 -28.51 -6.52 23.92
N TYR B 357 -27.67 -7.31 24.58
CA TYR B 357 -27.25 -8.64 24.10
C TYR B 357 -28.46 -9.56 23.89
N ALA B 358 -29.39 -9.55 24.84
CA ALA B 358 -30.59 -10.38 24.78
C ALA B 358 -31.56 -9.93 23.68
N SER B 359 -31.63 -8.62 23.46
CA SER B 359 -32.51 -8.04 22.44
C SER B 359 -32.07 -8.39 21.02
N ILE B 360 -30.74 -8.49 20.83
CA ILE B 360 -30.16 -8.87 19.54
C ILE B 360 -30.34 -10.38 19.29
N ALA B 361 -30.18 -11.18 20.34
CA ALA B 361 -30.32 -12.63 20.27
C ALA B 361 -31.75 -13.07 19.91
N ALA B 362 -32.74 -12.32 20.39
CA ALA B 362 -34.14 -12.59 20.12
C ALA B 362 -34.54 -12.21 18.70
N LYS B 363 -33.84 -11.24 18.11
CA LYS B 363 -34.11 -10.77 16.76
C LYS B 363 -33.23 -11.42 15.70
N SER B 364 -32.24 -12.21 16.14
CA SER B 364 -31.35 -12.92 15.23
C SER B 364 -31.90 -14.30 14.88
N SER B 365 -31.94 -14.59 13.58
CA SER B 365 -32.46 -15.87 13.09
C SER B 365 -31.54 -16.45 12.00
N SER B 366 -31.11 -17.70 12.20
CA SER B 366 -30.25 -18.39 11.25
C SER B 366 -31.01 -19.32 10.30
N GLU B 367 -32.31 -19.10 10.19
CA GLU B 367 -33.12 -19.79 9.19
C GLU B 367 -32.77 -19.23 7.82
N HIS B 368 -32.52 -20.13 6.87
CA HIS B 368 -32.15 -19.79 5.47
C HIS B 368 -30.67 -19.50 5.27
N ALA B 369 -30.09 -18.72 6.18
CA ALA B 369 -28.65 -18.41 6.14
C ALA B 369 -28.11 -18.14 7.55
N LEU B 370 -26.86 -18.52 7.79
CA LEU B 370 -26.22 -18.29 9.09
C LEU B 370 -26.12 -16.80 9.43
N HIS B 371 -26.67 -16.43 10.58
CA HIS B 371 -26.69 -15.05 11.04
C HIS B 371 -25.33 -14.66 11.60
N PRO B 372 -24.82 -13.47 11.23
CA PRO B 372 -23.56 -12.92 11.72
C PRO B 372 -23.43 -12.94 13.25
N PHE B 373 -24.52 -12.63 13.96
CA PHE B 373 -24.53 -12.65 15.41
C PHE B 373 -24.36 -14.06 15.97
N HIS B 374 -25.02 -15.03 15.34
CA HIS B 374 -24.86 -16.45 15.71
C HIS B 374 -23.45 -16.95 15.42
N ALA B 375 -22.86 -16.47 14.33
CA ALA B 375 -21.48 -16.79 13.98
C ALA B 375 -20.50 -16.15 14.97
N SER B 376 -20.82 -14.95 15.43
CA SER B 376 -20.02 -14.25 16.43
C SER B 376 -20.04 -14.95 17.79
N GLN B 377 -21.17 -15.57 18.12
CA GLN B 377 -21.34 -16.31 19.38
C GLN B 377 -20.47 -17.57 19.43
N VAL B 378 -20.33 -18.23 18.28
CA VAL B 378 -19.48 -19.43 18.15
C VAL B 378 -18.02 -19.12 18.54
N ILE B 379 -17.52 -17.99 18.06
CA ILE B 379 -16.17 -17.51 18.39
C ILE B 379 -16.08 -17.13 19.87
N ALA B 380 -17.11 -16.42 20.35
CA ALA B 380 -17.17 -15.91 21.72
C ALA B 380 -16.99 -16.99 22.79
N LYS B 381 -17.52 -18.20 22.52
CA LYS B 381 -17.41 -19.33 23.43
C LYS B 381 -15.97 -19.86 23.57
N HIS B 382 -15.09 -19.39 22.68
CA HIS B 382 -13.68 -19.80 22.70
C HIS B 382 -12.73 -18.68 23.15
N VAL B 383 -13.29 -17.53 23.52
CA VAL B 383 -12.48 -16.36 23.87
C VAL B 383 -12.26 -16.25 25.38
N ASP B 384 -10.99 -16.20 25.78
CA ASP B 384 -10.59 -15.93 27.16
C ASP B 384 -9.22 -15.24 27.21
N ALA B 385 -8.59 -15.25 28.39
CA ALA B 385 -7.31 -14.56 28.61
C ALA B 385 -6.15 -15.11 27.78
N GLY B 386 -6.27 -16.36 27.32
CA GLY B 386 -5.26 -16.99 26.47
C GLY B 386 -5.51 -16.82 24.99
N VAL B 387 -6.42 -15.91 24.63
CA VAL B 387 -6.80 -15.67 23.25
C VAL B 387 -6.73 -14.18 22.91
N THR B 388 -6.11 -13.88 21.78
CA THR B 388 -6.13 -12.54 21.20
C THR B 388 -7.04 -12.54 19.97
N VAL B 389 -8.04 -11.66 19.98
CA VAL B 389 -8.97 -11.54 18.86
C VAL B 389 -8.62 -10.31 18.03
N VAL B 390 -8.42 -10.53 16.73
CA VAL B 390 -8.19 -9.43 15.79
C VAL B 390 -9.41 -9.32 14.87
N ALA B 391 -9.93 -8.10 14.73
CA ALA B 391 -11.14 -7.88 13.96
C ALA B 391 -10.94 -6.92 12.78
N ASP B 392 -11.51 -7.30 11.65
CA ASP B 392 -11.46 -6.54 10.41
C ASP B 392 -12.85 -6.65 9.75
N GLY B 393 -13.06 -5.95 8.65
CA GLY B 393 -14.24 -6.13 7.80
C GLY B 393 -15.57 -5.56 8.24
N ALA B 394 -15.62 -4.26 8.53
CA ALA B 394 -16.89 -3.52 8.70
C ALA B 394 -18.03 -4.25 9.43
N LEU B 395 -19.03 -4.74 8.68
CA LEU B 395 -20.18 -5.44 9.30
C LEU B 395 -19.73 -6.57 10.22
N THR B 396 -18.65 -7.24 9.83
CA THR B 396 -18.04 -8.32 10.63
C THR B 396 -17.71 -7.87 12.05
N TYR B 397 -16.95 -6.78 12.19
CA TYR B 397 -16.53 -6.32 13.52
C TYR B 397 -17.67 -5.62 14.28
N LEU B 398 -18.60 -5.02 13.53
CA LEU B 398 -19.77 -4.39 14.12
C LEU B 398 -20.67 -5.43 14.80
N TRP B 399 -20.77 -6.61 14.19
CA TRP B 399 -21.50 -7.73 14.78
C TRP B 399 -20.72 -8.40 15.90
N LEU B 400 -19.42 -8.61 15.66
CA LEU B 400 -18.52 -9.24 16.64
C LEU B 400 -18.43 -8.46 17.94
N SER B 401 -18.52 -7.13 17.85
CA SER B 401 -18.42 -6.25 19.03
C SER B 401 -19.54 -6.53 20.04
N GLU B 402 -20.67 -7.02 19.55
CA GLU B 402 -21.82 -7.31 20.40
C GLU B 402 -21.63 -8.53 21.31
N VAL B 403 -20.62 -9.36 21.00
CA VAL B 403 -20.29 -10.52 21.84
C VAL B 403 -19.02 -10.33 22.68
N MET B 404 -18.27 -9.27 22.39
CA MET B 404 -16.96 -9.04 23.02
C MET B 404 -17.00 -8.52 24.46
N SER B 405 -18.12 -7.91 24.84
CA SER B 405 -18.27 -7.33 26.19
C SER B 405 -18.45 -8.39 27.28
N ARG B 406 -19.11 -9.50 26.93
CA ARG B 406 -19.37 -10.57 27.89
C ARG B 406 -18.16 -11.46 28.14
N VAL B 407 -17.24 -11.47 27.18
CA VAL B 407 -16.00 -12.27 27.28
C VAL B 407 -14.83 -11.40 27.71
N LYS B 408 -13.75 -12.05 28.13
CA LYS B 408 -12.55 -11.36 28.61
C LYS B 408 -11.32 -11.79 27.80
N PRO B 409 -11.10 -11.16 26.64
CA PRO B 409 -9.98 -11.55 25.78
C PRO B 409 -8.62 -11.10 26.33
N GLY B 410 -7.57 -11.84 26.00
CA GLY B 410 -6.20 -11.43 26.34
C GLY B 410 -5.80 -10.20 25.54
N GLY B 411 -6.30 -10.13 24.31
CA GLY B 411 -6.13 -8.96 23.45
C GLY B 411 -7.31 -8.82 22.52
N PHE B 412 -7.66 -7.57 22.20
CA PHE B 412 -8.68 -7.29 21.20
C PHE B 412 -8.22 -6.15 20.30
N LEU B 413 -7.80 -6.51 19.08
CA LEU B 413 -7.22 -5.56 18.14
C LEU B 413 -8.16 -5.31 16.98
N CYS B 414 -8.84 -4.17 17.03
CA CYS B 414 -9.84 -3.81 16.03
C CYS B 414 -9.41 -2.56 15.26
N HIS B 415 -10.22 -2.16 14.30
CA HIS B 415 -10.01 -0.91 13.56
C HIS B 415 -9.99 0.29 14.48
N GLY B 416 -9.13 1.25 14.19
CA GLY B 416 -9.12 2.53 14.88
C GLY B 416 -9.77 3.58 14.01
N TYR B 417 -9.31 4.83 14.14
CA TYR B 417 -9.88 5.95 13.39
C TYR B 417 -9.73 5.82 11.89
N LEU B 418 -8.61 5.24 11.45
CA LEU B 418 -8.32 5.08 10.02
C LEU B 418 -9.35 4.19 9.33
N GLY B 419 -9.82 3.17 10.04
CA GLY B 419 -10.83 2.25 9.54
C GLY B 419 -10.52 1.64 8.19
N SER B 420 -9.25 1.31 7.98
CA SER B 420 -8.78 0.77 6.71
C SER B 420 -9.00 -0.74 6.65
N MET B 421 -9.79 -1.16 5.66
CA MET B 421 -10.07 -2.57 5.43
C MET B 421 -8.82 -3.30 4.94
N GLY B 422 -8.54 -4.44 5.54
CA GLY B 422 -7.41 -5.27 5.10
C GLY B 422 -6.23 -5.33 6.07
N VAL B 423 -6.19 -4.38 7.00
CA VAL B 423 -5.09 -4.27 7.97
C VAL B 423 -5.03 -5.45 8.94
N GLY B 424 -6.15 -6.17 9.07
CA GLY B 424 -6.31 -7.23 10.06
C GLY B 424 -5.37 -8.41 9.94
N PHE B 425 -5.07 -8.81 8.71
CA PHE B 425 -4.23 -9.98 8.46
C PHE B 425 -2.81 -9.79 9.01
N GLY B 426 -2.16 -8.71 8.56
CA GLY B 426 -0.83 -8.35 9.05
C GLY B 426 -0.81 -8.14 10.55
N THR B 427 -1.78 -7.37 11.05
CA THR B 427 -1.96 -7.15 12.49
C THR B 427 -1.99 -8.47 13.27
N ALA B 428 -2.83 -9.40 12.81
CA ALA B 428 -2.98 -10.71 13.46
C ALA B 428 -1.72 -11.57 13.36
N LEU B 429 -1.00 -11.44 12.25
CA LEU B 429 0.25 -12.15 12.02
C LEU B 429 1.30 -11.75 13.06
N GLY B 430 1.45 -10.44 13.29
CA GLY B 430 2.38 -9.92 14.28
C GLY B 430 1.93 -10.16 15.71
N ALA B 431 0.63 -10.17 15.92
CA ALA B 431 0.04 -10.45 17.24
C ALA B 431 0.33 -11.89 17.64
N GLN B 432 0.31 -12.80 16.67
CA GLN B 432 0.62 -14.21 16.90
C GLN B 432 2.07 -14.44 17.32
N VAL B 433 2.98 -13.65 16.75
CA VAL B 433 4.40 -13.69 17.15
C VAL B 433 4.54 -13.29 18.62
N ALA B 434 3.85 -12.23 19.02
CA ALA B 434 3.82 -11.76 20.41
C ALA B 434 3.10 -12.75 21.33
N ASP B 435 2.05 -13.38 20.82
CA ASP B 435 1.26 -14.35 21.59
C ASP B 435 1.99 -15.67 21.80
N LEU B 436 2.95 -15.96 20.93
CA LEU B 436 3.71 -17.20 20.95
C LEU B 436 4.63 -17.26 22.17
N GLU B 437 5.24 -16.12 22.49
CA GLU B 437 6.10 -15.99 23.68
C GLU B 437 5.29 -15.79 24.97
N ALA B 438 4.02 -15.42 24.82
CA ALA B 438 3.11 -15.23 25.95
C ALA B 438 2.23 -16.46 26.20
N GLY B 439 2.28 -17.42 25.29
CA GLY B 439 1.48 -18.65 25.38
C GLY B 439 0.01 -18.45 25.05
N ARG B 440 -0.27 -17.60 24.06
CA ARG B 440 -1.64 -17.30 23.64
C ARG B 440 -1.91 -17.65 22.18
N ARG B 441 -3.19 -17.83 21.85
CA ARG B 441 -3.60 -18.14 20.48
C ARG B 441 -4.29 -16.95 19.84
N THR B 442 -3.94 -16.67 18.59
CA THR B 442 -4.50 -15.53 17.86
C THR B 442 -5.58 -15.99 16.88
N ILE B 443 -6.70 -15.29 16.91
CA ILE B 443 -7.81 -15.54 16.00
C ILE B 443 -8.15 -14.25 15.26
N LEU B 444 -8.12 -14.33 13.93
CA LEU B 444 -8.54 -13.20 13.10
C LEU B 444 -9.96 -13.41 12.61
N VAL B 445 -10.82 -12.43 12.89
CA VAL B 445 -12.19 -12.42 12.37
C VAL B 445 -12.28 -11.29 11.36
N THR B 446 -12.52 -11.65 10.11
CA THR B 446 -12.44 -10.68 9.01
C THR B 446 -13.55 -10.86 7.97
N GLY B 447 -13.73 -9.84 7.13
CA GLY B 447 -14.69 -9.91 6.04
C GLY B 447 -14.08 -10.55 4.80
N ASP B 448 -14.94 -10.97 3.88
CA ASP B 448 -14.50 -11.55 2.61
C ASP B 448 -13.76 -10.53 1.75
N GLY B 449 -14.20 -9.27 1.80
CA GLY B 449 -13.54 -8.17 1.10
C GLY B 449 -12.18 -7.84 1.70
N SER B 450 -12.14 -7.65 3.01
CA SER B 450 -10.92 -7.26 3.71
C SER B 450 -9.78 -8.28 3.60
N VAL B 451 -10.11 -9.56 3.66
CA VAL B 451 -9.10 -10.63 3.62
C VAL B 451 -8.28 -10.60 2.31
N GLY B 452 -8.91 -10.14 1.23
CA GLY B 452 -8.27 -10.08 -0.09
C GLY B 452 -7.09 -9.15 -0.21
N TYR B 453 -7.04 -8.12 0.65
CA TYR B 453 -5.93 -7.17 0.71
C TYR B 453 -4.57 -7.83 0.95
N SER B 454 -4.56 -8.84 1.83
CA SER B 454 -3.33 -9.48 2.27
C SER B 454 -3.44 -11.01 2.24
N ILE B 455 -4.26 -11.54 1.33
CA ILE B 455 -4.51 -12.99 1.27
C ILE B 455 -3.24 -13.82 1.03
N GLY B 456 -2.21 -13.19 0.48
CA GLY B 456 -0.92 -13.84 0.26
C GLY B 456 -0.13 -14.11 1.53
N GLU B 457 -0.62 -13.62 2.66
CA GLU B 457 0.04 -13.81 3.94
C GLU B 457 -0.17 -15.19 4.56
N PHE B 458 -1.06 -15.98 3.95
CA PHE B 458 -1.20 -17.39 4.29
C PHE B 458 0.11 -18.13 4.06
N ASP B 459 0.84 -17.69 3.02
CA ASP B 459 2.18 -18.19 2.73
C ASP B 459 3.14 -17.93 3.88
N THR B 460 3.11 -16.70 4.41
CA THR B 460 3.96 -16.32 5.56
C THR B 460 3.60 -17.14 6.80
N LEU B 461 2.30 -17.34 7.02
CA LEU B 461 1.81 -18.19 8.11
C LEU B 461 2.37 -19.61 8.03
N VAL B 462 2.44 -20.15 6.81
CA VAL B 462 2.96 -21.51 6.57
C VAL B 462 4.48 -21.56 6.64
N ARG B 463 5.15 -20.59 6.01
CA ARG B 463 6.62 -20.52 6.00
C ARG B 463 7.20 -20.36 7.41
N LYS B 464 6.58 -19.49 8.21
CA LYS B 464 7.05 -19.19 9.55
C LYS B 464 6.39 -20.05 10.62
N GLN B 465 5.48 -20.93 10.19
CA GLN B 465 4.72 -21.82 11.08
C GLN B 465 3.97 -21.08 12.20
N LEU B 466 3.26 -20.03 11.80
CA LEU B 466 2.43 -19.27 12.74
C LEU B 466 1.00 -19.78 12.69
N PRO B 467 0.50 -20.31 13.83
CA PRO B 467 -0.78 -21.02 13.87
C PRO B 467 -2.01 -20.10 13.95
N LEU B 468 -1.97 -18.99 13.22
CA LEU B 468 -3.10 -18.05 13.18
C LEU B 468 -4.33 -18.68 12.53
N ILE B 469 -5.47 -18.54 13.20
CA ILE B 469 -6.74 -18.98 12.65
C ILE B 469 -7.45 -17.77 12.02
N VAL B 470 -7.65 -17.85 10.70
CA VAL B 470 -8.30 -16.79 9.94
C VAL B 470 -9.75 -17.17 9.67
N ILE B 471 -10.67 -16.44 10.31
CA ILE B 471 -12.09 -16.66 10.13
C ILE B 471 -12.66 -15.60 9.19
N ILE B 472 -13.19 -16.04 8.06
CA ILE B 472 -13.73 -15.13 7.05
C ILE B 472 -15.25 -15.15 7.07
N MET B 473 -15.84 -14.03 7.48
CA MET B 473 -17.28 -13.86 7.43
C MET B 473 -17.69 -13.47 6.01
N ASN B 474 -18.10 -14.48 5.24
CA ASN B 474 -18.34 -14.34 3.82
C ASN B 474 -19.80 -14.04 3.50
N ASN B 475 -20.10 -12.75 3.27
CA ASN B 475 -21.41 -12.33 2.80
C ASN B 475 -21.36 -11.95 1.31
N GLN B 476 -20.33 -12.47 0.63
CA GLN B 476 -20.11 -12.30 -0.82
C GLN B 476 -20.25 -10.85 -1.32
N SER B 477 -19.72 -9.92 -0.52
CA SER B 477 -19.82 -8.49 -0.82
C SER B 477 -18.97 -7.64 0.09
N TRP B 478 -18.70 -6.40 -0.33
CA TRP B 478 -18.24 -5.36 0.55
C TRP B 478 -19.49 -4.92 1.32
N GLY B 479 -19.75 -5.57 2.44
CA GLY B 479 -21.04 -5.54 3.12
C GLY B 479 -21.60 -4.19 3.56
N ALA B 480 -20.88 -3.51 4.44
CA ALA B 480 -21.34 -2.24 5.02
C ALA B 480 -21.58 -1.18 3.95
N THR B 481 -20.71 -1.14 2.95
CA THR B 481 -20.84 -0.22 1.83
C THR B 481 -22.06 -0.52 0.95
N LEU B 482 -22.38 -1.81 0.81
CA LEU B 482 -23.59 -2.23 0.09
C LEU B 482 -24.84 -1.79 0.87
N HIS B 483 -24.78 -1.91 2.19
CA HIS B 483 -25.84 -1.44 3.08
C HIS B 483 -26.04 0.07 2.95
N PHE B 484 -24.94 0.81 2.88
CA PHE B 484 -24.98 2.26 2.67
C PHE B 484 -25.71 2.62 1.39
N GLN B 485 -25.41 1.90 0.32
CA GLN B 485 -26.08 2.11 -0.97
C GLN B 485 -27.57 1.82 -0.90
N GLN B 486 -27.94 0.76 -0.20
CA GLN B 486 -29.35 0.37 -0.05
C GLN B 486 -30.13 1.31 0.86
N LEU B 487 -29.53 1.70 1.98
CA LEU B 487 -30.20 2.56 2.97
C LEU B 487 -30.21 4.04 2.61
N ALA B 488 -29.09 4.55 2.11
CA ALA B 488 -28.95 5.98 1.83
C ALA B 488 -29.27 6.41 0.40
N VAL B 489 -29.26 5.45 -0.53
CA VAL B 489 -29.53 5.77 -1.94
C VAL B 489 -30.75 5.02 -2.50
N GLY B 490 -30.78 3.70 -2.35
CA GLY B 490 -31.90 2.90 -2.84
C GLY B 490 -31.58 1.43 -3.09
N PRO B 491 -32.62 0.57 -3.11
CA PRO B 491 -32.50 -0.88 -3.28
C PRO B 491 -31.86 -1.31 -4.61
N ASN B 492 -32.17 -0.58 -5.68
CA ASN B 492 -31.60 -0.87 -7.00
C ASN B 492 -30.38 0.00 -7.34
N ARG B 493 -29.67 0.44 -6.30
CA ARG B 493 -28.54 1.34 -6.47
C ARG B 493 -27.21 0.74 -6.00
N VAL B 494 -27.11 -0.59 -6.00
CA VAL B 494 -25.85 -1.24 -5.63
C VAL B 494 -24.91 -1.33 -6.84
N THR B 495 -23.68 -0.84 -6.64
CA THR B 495 -22.64 -0.87 -7.68
C THR B 495 -21.27 -0.97 -7.04
N GLY B 496 -20.46 -1.90 -7.54
CA GLY B 496 -19.08 -2.06 -7.10
C GLY B 496 -18.93 -2.54 -5.67
N THR B 497 -19.99 -3.14 -5.13
CA THR B 497 -19.99 -3.61 -3.75
C THR B 497 -20.19 -5.11 -3.58
N ARG B 498 -20.55 -5.80 -4.67
CA ARG B 498 -20.75 -7.25 -4.63
C ARG B 498 -19.47 -8.02 -4.97
N LEU B 499 -19.25 -9.12 -4.24
CA LEU B 499 -18.09 -9.98 -4.44
C LEU B 499 -18.54 -11.44 -4.48
N GLU B 500 -19.33 -11.77 -5.50
CA GLU B 500 -19.94 -13.09 -5.61
C GLU B 500 -19.02 -14.07 -6.35
N ASN B 501 -17.77 -14.14 -5.91
CA ASN B 501 -16.75 -14.98 -6.54
C ASN B 501 -15.59 -15.31 -5.60
N GLY B 502 -15.03 -16.51 -5.75
CA GLY B 502 -13.77 -16.86 -5.11
C GLY B 502 -13.87 -17.77 -3.90
N SER B 503 -13.11 -18.85 -3.94
CA SER B 503 -13.01 -19.80 -2.83
C SER B 503 -11.78 -19.46 -1.97
N TYR B 504 -12.02 -18.73 -0.88
CA TYR B 504 -10.94 -18.27 -0.01
C TYR B 504 -10.26 -19.41 0.75
N HIS B 505 -11.04 -20.44 1.10
CA HIS B 505 -10.48 -21.64 1.72
C HIS B 505 -9.60 -22.39 0.74
N GLY B 506 -9.94 -22.29 -0.55
CA GLY B 506 -9.12 -22.86 -1.62
C GLY B 506 -7.80 -22.12 -1.79
N VAL B 507 -7.84 -20.80 -1.64
CA VAL B 507 -6.64 -19.96 -1.71
C VAL B 507 -5.66 -20.32 -0.60
N ALA B 508 -6.16 -20.40 0.63
CA ALA B 508 -5.35 -20.74 1.80
C ALA B 508 -4.72 -22.13 1.66
N ALA B 509 -5.48 -23.09 1.14
CA ALA B 509 -5.01 -24.45 0.92
C ALA B 509 -3.88 -24.50 -0.11
N ALA B 510 -3.99 -23.65 -1.14
CA ALA B 510 -2.96 -23.51 -2.17
C ALA B 510 -1.64 -22.97 -1.60
N PHE B 511 -1.74 -22.19 -0.52
CA PHE B 511 -0.55 -21.73 0.20
C PHE B 511 -0.09 -22.74 1.27
N GLY B 512 -0.88 -23.78 1.48
CA GLY B 512 -0.51 -24.87 2.40
C GLY B 512 -1.22 -24.85 3.75
N ALA B 513 -2.12 -23.90 3.93
CA ALA B 513 -2.88 -23.78 5.18
C ALA B 513 -4.13 -24.65 5.14
N ASP B 514 -4.61 -25.03 6.32
CA ASP B 514 -5.85 -25.80 6.44
C ASP B 514 -7.05 -24.94 6.07
N GLY B 515 -7.88 -25.45 5.16
CA GLY B 515 -9.01 -24.69 4.64
C GLY B 515 -10.36 -25.33 4.93
N TYR B 516 -11.19 -24.62 5.68
CA TYR B 516 -12.54 -25.07 6.02
C TYR B 516 -13.57 -24.19 5.33
N HIS B 517 -14.68 -24.79 4.91
CA HIS B 517 -15.83 -24.03 4.39
C HIS B 517 -17.10 -24.45 5.11
N VAL B 518 -17.76 -23.48 5.73
CA VAL B 518 -18.92 -23.75 6.58
C VAL B 518 -20.08 -22.79 6.28
N ASP B 519 -21.29 -23.17 6.69
CA ASP B 519 -22.48 -22.37 6.43
C ASP B 519 -23.56 -22.46 7.51
N SER B 520 -23.22 -23.07 8.65
CA SER B 520 -24.17 -23.23 9.76
C SER B 520 -23.46 -23.15 11.12
N VAL B 521 -24.26 -23.03 12.18
CA VAL B 521 -23.74 -23.02 13.55
C VAL B 521 -22.96 -24.32 13.85
N GLU B 522 -23.57 -25.46 13.52
CA GLU B 522 -22.98 -26.77 13.80
C GLU B 522 -21.66 -27.00 13.06
N SER B 523 -21.63 -26.66 11.77
CA SER B 523 -20.42 -26.87 10.95
C SER B 523 -19.30 -25.90 11.33
N PHE B 524 -19.64 -24.64 11.60
CA PHE B 524 -18.66 -23.63 12.00
C PHE B 524 -18.06 -23.95 13.37
N SER B 525 -18.90 -24.38 14.31
CA SER B 525 -18.45 -24.81 15.62
C SER B 525 -17.42 -25.94 15.53
N ALA B 526 -17.71 -26.92 14.69
CA ALA B 526 -16.81 -28.06 14.46
C ALA B 526 -15.48 -27.64 13.86
N ALA B 527 -15.53 -26.78 12.85
CA ALA B 527 -14.34 -26.31 12.14
C ALA B 527 -13.42 -25.49 13.06
N LEU B 528 -14.01 -24.59 13.83
CA LEU B 528 -13.26 -23.76 14.79
C LEU B 528 -12.67 -24.59 15.93
N ALA B 529 -13.41 -25.59 16.40
CA ALA B 529 -12.93 -26.50 17.44
C ALA B 529 -11.72 -27.31 16.97
N GLN B 530 -11.80 -27.80 15.74
CA GLN B 530 -10.71 -28.55 15.11
C GLN B 530 -9.46 -27.69 14.92
N ALA B 531 -9.66 -26.46 14.43
CA ALA B 531 -8.56 -25.53 14.19
C ALA B 531 -7.84 -25.13 15.48
N LEU B 532 -8.60 -24.93 16.55
CA LEU B 532 -8.07 -24.64 17.88
C LEU B 532 -7.29 -25.82 18.46
N ALA B 533 -7.67 -27.03 18.06
CA ALA B 533 -7.03 -28.26 18.55
C ALA B 533 -5.68 -28.54 17.89
N HIS B 534 -5.44 -27.92 16.73
CA HIS B 534 -4.18 -28.11 16.00
C HIS B 534 -3.23 -26.93 16.17
N ASN B 535 -1.93 -27.22 16.05
CA ASN B 535 -0.89 -26.18 16.03
C ASN B 535 -0.53 -25.85 14.58
N ARG B 536 -1.54 -25.42 13.83
CA ARG B 536 -1.40 -25.14 12.40
C ARG B 536 -2.17 -23.89 12.01
N PRO B 537 -1.66 -23.14 11.01
CA PRO B 537 -2.44 -22.03 10.45
C PRO B 537 -3.71 -22.55 9.76
N ALA B 538 -4.80 -21.79 9.86
CA ALA B 538 -6.08 -22.25 9.35
C ALA B 538 -6.92 -21.11 8.75
N CYS B 539 -7.79 -21.50 7.82
CA CYS B 539 -8.73 -20.57 7.20
C CYS B 539 -10.13 -21.16 7.25
N ILE B 540 -11.04 -20.46 7.91
CA ILE B 540 -12.43 -20.89 8.00
C ILE B 540 -13.33 -19.92 7.23
N ASN B 541 -13.72 -20.34 6.03
CA ASN B 541 -14.59 -19.55 5.18
C ASN B 541 -16.05 -19.79 5.59
N VAL B 542 -16.65 -18.76 6.20
CA VAL B 542 -17.98 -18.88 6.78
C VAL B 542 -19.01 -18.13 5.93
N ALA B 543 -19.88 -18.88 5.25
CA ALA B 543 -20.98 -18.28 4.50
C ALA B 543 -21.97 -17.66 5.47
N VAL B 544 -22.12 -16.34 5.39
CA VAL B 544 -22.93 -15.60 6.35
C VAL B 544 -23.99 -14.73 5.65
N ALA B 545 -25.10 -14.49 6.33
CA ALA B 545 -26.18 -13.65 5.80
C ALA B 545 -25.76 -12.18 5.71
N LEU B 546 -26.21 -11.51 4.65
CA LEU B 546 -25.86 -10.12 4.37
C LEU B 546 -26.90 -9.12 4.90
N ASP B 547 -28.18 -9.48 4.78
CA ASP B 547 -29.31 -8.59 5.13
C ASP B 547 -29.34 -8.02 6.55
N PRO B 548 -28.99 -8.84 7.58
CA PRO B 548 -29.04 -8.30 8.95
C PRO B 548 -28.24 -7.01 9.15
N ILE B 549 -28.86 -6.04 9.80
CA ILE B 549 -28.22 -4.77 10.11
C ILE B 549 -27.82 -4.73 11.58
N PRO B 550 -26.51 -4.62 11.85
CA PRO B 550 -26.02 -4.52 13.23
C PRO B 550 -26.42 -3.17 13.84
N PRO B 551 -26.79 -3.17 15.13
CA PRO B 551 -27.17 -1.93 15.83
C PRO B 551 -26.18 -0.78 15.60
N GLU B 552 -24.88 -1.11 15.60
CA GLU B 552 -23.82 -0.10 15.49
C GLU B 552 -23.68 0.55 14.12
N GLU B 553 -24.23 -0.09 13.08
CA GLU B 553 -24.26 0.50 11.74
C GLU B 553 -25.24 1.68 11.69
N LEU B 554 -26.41 1.49 12.29
CA LEU B 554 -27.45 2.52 12.35
C LEU B 554 -27.01 3.74 13.17
N ILE B 555 -26.15 3.49 14.17
CA ILE B 555 -25.64 4.55 15.05
C ILE B 555 -24.13 4.69 14.95
PA D7K C . 10.71 -11.78 -7.63
O1A D7K C . 10.22 -13.27 -7.11
O2A D7K C . 9.43 -11.05 -7.86
O1B D7K C . 12.85 -12.96 -10.85
PB D7K C . 12.97 -12.47 -9.27
O2B D7K C . 13.09 -13.67 -8.13
O3B D7K C . 14.08 -11.50 -9.05
O3A D7K C . 11.50 -11.74 -9.06
O01 D7K C . 11.74 -11.14 -6.53
C01 D7K C . 12.07 -9.79 -6.58
C05 D7K C . 13.26 -9.68 -5.62
C04 D7K C . 13.63 -8.22 -5.32
C03 D7K C . 13.19 -7.43 -4.03
CM4 D7K C . 12.31 -7.98 -2.91
S1 D7K C . 14.57 -7.24 -6.27
C02 D7K C . 14.55 -5.78 -5.30
N3 D7K C . 13.75 -5.98 -4.03
C7, D7K C . 13.51 -5.01 -2.96
C5, D7K C . 12.05 -4.54 -2.94
C6, D7K C . 11.21 -4.76 -1.74
C4, D7K C . 11.49 -3.80 -4.12
N4, D7K C . 12.26 -3.55 -5.30
N3, D7K C . 10.14 -3.31 -4.12
C2, D7K C . 9.28 -3.51 -2.95
N1, D7K C . 9.84 -4.25 -1.77
CM2 D7K C . 7.85 -3.00 -3.00
O12 D7K C . 16.59 -4.73 -3.12
P8 D7K C . 17.11 -4.74 -4.67
O11 D7K C . 17.87 -5.98 -4.96
O9 D7K C . 18.06 -3.39 -5.05
C10 D7K C . 19.12 -3.46 -5.98
C7 D7K C . 15.52 -4.61 -5.67
O7 D7K C . 14.94 -3.38 -5.26
C2 D7K C . 15.80 -4.67 -7.21
C3 D7K C . 14.94 -3.84 -8.21
C4 D7K C . 15.20 -3.88 -9.72
C5 D7K C . 16.33 -4.76 -10.29
C6 D7K C . 17.20 -5.59 -9.32
C1 D7K C . 16.93 -5.55 -7.80
CA CA D . 10.94 -14.91 -9.36
PA D7K E . -15.95 -6.79 4.11
O1A D7K E . -16.49 -8.02 3.17
O2A D7K E . -14.52 -6.75 4.42
O1B D7K E . -18.67 -7.56 7.01
PB D7K E . -18.32 -6.71 5.64
O2B D7K E . -19.08 -7.40 4.33
O3B D7K E . -18.87 -5.35 5.86
O3A D7K E . -16.73 -6.81 5.49
O01 D7K E . -16.26 -5.39 3.31
C01 D7K E . -15.96 -4.14 3.89
C05 D7K E . -16.75 -3.13 3.11
C04 D7K E . -16.31 -1.69 3.43
C03 D7K E . -15.44 -0.83 2.49
CM4 D7K E . -14.90 -1.30 1.14
S1 D7K E . -16.78 -0.83 4.78
C02 D7K E . -15.93 0.70 4.36
N3 D7K E . -15.23 0.62 3.05
C7, D7K E . -14.46 1.65 2.39
C5, D7K E . -12.98 1.29 2.43
C6, D7K E . -12.26 1.06 1.16
C4, D7K E . -12.22 1.26 3.67
N4, D7K E . -12.90 1.55 4.91
N3, D7K E . -10.80 0.98 3.70
C2, D7K E . -10.07 0.72 2.46
N1, D7K E . -10.86 0.77 1.20
CM2 D7K E . -8.60 0.39 2.43
O12 D7K E . -17.03 3.39 2.85
P8 D7K E . -17.59 3.09 4.35
O11 D7K E . -18.94 2.44 4.37
O9 D7K E . -17.61 4.51 5.24
C10 D7K E . -18.65 4.76 6.16
C7 D7K E . -16.21 2.04 5.10
O7 D7K E . -15.07 2.90 5.04
C2 D7K E . -16.57 1.63 6.56
C3 D7K E . -18.07 1.39 6.97
C4 D7K E . -18.47 1.00 8.39
C5 D7K E . -17.37 0.83 9.46
C6 D7K E . -15.91 1.04 9.03
C1 D7K E . -15.46 1.44 7.60
CA CA F . -17.92 -9.56 4.54
#